data_5WZR
#
_entry.id   5WZR
#
_cell.length_a   64.628
_cell.length_b   128.478
_cell.length_c   176.885
_cell.angle_alpha   90.00
_cell.angle_beta   90.00
_cell.angle_gamma   90.00
#
_symmetry.space_group_name_H-M   'P 21 21 21'
#
loop_
_entity.id
_entity.type
_entity.pdbx_description
1 polymer Alpha-N-acetylgalactosaminidase
2 non-polymer 'ZINC ION'
3 non-polymer N-[(3S,4R,5S,6R)-4,5-dihydroxy-6-(hydroxymethyl)piperidin-3-yl]acetamide
4 non-polymer 'CALCIUM ION'
5 water water
#
_entity_poly.entity_id   1
_entity_poly.type   'polypeptide(L)'
_entity_poly.pdbx_seq_one_letter_code
;MMQFTMSGTMLRFDETTLRFSFSRDGATWSGCDGIEPQLTREDRSFSFAGAATVTHERIETGTGVGVRSVFAGFAGADYA
FETYIWIERSSGDVLCEWVPLRECGAEPRIDRVLWPAPLSFDRADAHDVTLITHEQGVMIPNSWPTEVGTDAVSFGGRFE
TAGGYMPWFAQLRSDGHAYIAICETPWNAGYDIDHPAGGPYTHVGMWFEPSLGRMDYRRVVRYRLLDHADHTAICKTYRA
YVNERGRLRTLAEKAARNPSVRDLLGRSWVHVGIKTNVQPDSSFYDPAQPGKNDSLVTFAQRERQMRTLHEMGAGRLYLH
LDGWAQPGYDNGHPDYLPACREAGGWKGMKSLIDACHEQGDLFGTHDQYRDYYFAARTFDPRNAIRLADGTMPEHAMWAG
GRQTYLCAELAPDYVRRNFSEIATHGIVLDCAYLDVFTCNEGDECSHPEHRMTRRECYERRAECFEYLLAHGILTSSEEV
SDWAVPSLVFCHYAPYDFQMRSPDAPRHGIPVPLYNLVYHDCVIQPWMMDRVAGGDDYMLYALLNGGAPYLIRDAAYAGM
DGDMNAALRARTENDIERCAVVAGLHRRVGMQELVRHDLVGGDPLVQRSVFADGTAVTCDFHAQTYEVAANGSHHHHHHH
;
_entity_poly.pdbx_strand_id   A,B
#
# COMPACT_ATOMS: atom_id res chain seq x y z
N MET A 1 -14.55 15.66 37.13
CA MET A 1 -14.43 14.25 36.62
C MET A 1 -15.55 13.84 35.64
N MET A 2 -15.12 13.23 34.53
CA MET A 2 -15.99 12.74 33.47
C MET A 2 -15.89 11.23 33.35
N GLN A 3 -17.04 10.55 33.30
CA GLN A 3 -17.07 9.09 33.19
C GLN A 3 -17.97 8.60 32.05
N PHE A 4 -17.54 7.51 31.43
CA PHE A 4 -18.10 6.97 30.21
C PHE A 4 -18.19 5.47 30.37
N THR A 5 -19.23 4.86 29.80
CA THR A 5 -19.31 3.40 29.75
C THR A 5 -19.84 3.02 28.38
N MET A 6 -19.40 1.86 27.87
CA MET A 6 -19.83 1.37 26.56
C MET A 6 -19.20 0.02 26.20
N SER A 7 -19.99 -0.86 25.58
CA SER A 7 -19.52 -2.13 25.01
C SER A 7 -18.57 -2.99 25.85
N GLY A 8 -18.69 -2.89 27.17
CA GLY A 8 -17.89 -3.69 28.10
C GLY A 8 -16.77 -2.92 28.80
N THR A 9 -16.66 -1.64 28.50
CA THR A 9 -15.50 -0.83 28.87
C THR A 9 -15.92 0.51 29.50
N MET A 10 -15.15 0.99 30.47
CA MET A 10 -15.42 2.26 31.11
C MET A 10 -14.17 3.11 31.14
N LEU A 11 -14.32 4.36 30.69
CA LEU A 11 -13.25 5.34 30.70
C LEU A 11 -13.65 6.44 31.66
N ARG A 12 -12.77 6.75 32.60
CA ARG A 12 -12.90 7.91 33.45
C ARG A 12 -11.75 8.83 33.10
N PHE A 13 -11.96 10.13 33.26
CA PHE A 13 -10.95 11.14 32.90
C PHE A 13 -11.16 12.41 33.73
N ASP A 14 -10.07 12.83 34.34
CA ASP A 14 -10.14 13.90 35.30
C ASP A 14 -9.77 15.20 34.60
N GLU A 15 -10.71 16.15 34.61
CA GLU A 15 -10.56 17.43 33.90
C GLU A 15 -9.39 18.29 34.36
N THR A 16 -8.92 18.06 35.58
CA THR A 16 -7.92 18.93 36.18
C THR A 16 -6.53 18.29 36.13
N THR A 17 -6.42 17.05 36.62
CA THR A 17 -5.16 16.28 36.48
C THR A 17 -4.86 15.86 35.05
N LEU A 18 -5.91 15.67 34.24
CA LEU A 18 -5.78 15.07 32.89
C LEU A 18 -5.54 13.58 32.96
N ARG A 19 -5.16 13.07 34.12
CA ARG A 19 -4.99 11.64 34.28
C ARG A 19 -6.27 10.95 33.87
N PHE A 20 -6.11 9.79 33.26
CA PHE A 20 -7.23 9.00 32.81
C PHE A 20 -7.00 7.58 33.27
N SER A 21 -8.06 6.80 33.34
CA SER A 21 -7.97 5.37 33.64
C SER A 21 -9.12 4.69 32.93
N PHE A 22 -8.90 3.45 32.48
CA PHE A 22 -9.98 2.73 31.85
C PHE A 22 -10.02 1.26 32.26
N SER A 23 -11.23 0.69 32.19
CA SER A 23 -11.57 -0.62 32.81
C SER A 23 -12.41 -1.52 31.90
N ARG A 24 -12.12 -2.82 31.92
CA ARG A 24 -12.91 -3.83 31.18
C ARG A 24 -12.60 -5.24 31.63
N ASP A 25 -13.66 -6.05 31.72
CA ASP A 25 -13.70 -7.32 32.45
C ASP A 25 -13.29 -7.11 33.91
N GLY A 26 -13.67 -5.98 34.49
CA GLY A 26 -13.48 -5.72 35.92
C GLY A 26 -12.09 -5.33 36.40
N ALA A 27 -11.06 -5.59 35.59
CA ALA A 27 -9.72 -5.06 35.85
C ALA A 27 -9.72 -3.60 35.48
N THR A 28 -8.90 -2.83 36.18
CA THR A 28 -8.72 -1.42 35.85
C THR A 28 -7.25 -1.16 35.53
N TRP A 29 -6.98 -0.11 34.75
CA TRP A 29 -5.65 0.48 34.62
C TRP A 29 -5.75 1.99 34.63
N SER A 30 -4.71 2.66 35.13
CA SER A 30 -4.70 4.12 35.22
C SER A 30 -3.34 4.70 34.85
N GLY A 31 -3.35 5.92 34.33
CA GLY A 31 -2.13 6.70 34.16
C GLY A 31 -1.32 6.68 35.45
N CYS A 32 0.00 6.65 35.33
CA CYS A 32 0.87 6.65 36.51
C CYS A 32 0.61 7.90 37.31
N ASP A 33 0.68 7.77 38.63
CA ASP A 33 0.55 8.93 39.50
C ASP A 33 1.80 9.76 39.30
N GLY A 34 1.60 11.06 39.06
CA GLY A 34 2.71 12.01 39.02
C GLY A 34 3.54 12.08 37.76
N ILE A 35 3.24 11.26 36.75
CA ILE A 35 3.84 11.44 35.40
C ILE A 35 2.80 12.00 34.44
N GLU A 36 3.06 13.19 33.92
CA GLU A 36 2.08 13.90 33.10
C GLU A 36 2.45 13.89 31.61
N PRO A 37 1.44 14.06 30.73
CA PRO A 37 1.73 14.11 29.31
C PRO A 37 2.45 15.42 29.00
N GLN A 38 3.39 15.37 28.07
CA GLN A 38 4.31 16.49 27.86
C GLN A 38 4.60 16.81 26.41
N LEU A 39 4.71 18.10 26.14
CA LEU A 39 5.48 18.57 25.01
C LEU A 39 6.92 18.61 25.44
N THR A 40 7.79 18.82 24.48
CA THR A 40 9.19 19.07 24.70
C THR A 40 9.61 20.03 23.61
N ARG A 41 10.31 21.09 23.96
CA ARG A 41 10.82 22.04 22.97
C ARG A 41 12.31 22.02 23.09
N GLU A 42 13.00 22.57 22.11
CA GLU A 42 14.45 22.68 22.22
C GLU A 42 14.79 23.19 23.63
N ASP A 43 13.99 24.15 24.13
CA ASP A 43 14.29 24.90 25.38
C ASP A 43 13.54 24.53 26.70
N ARG A 44 12.66 23.50 26.72
CA ARG A 44 12.05 22.98 27.98
C ARG A 44 10.83 22.02 27.79
N SER A 45 10.53 21.23 28.82
CA SER A 45 9.31 20.38 28.84
C SER A 45 8.08 21.10 29.42
N PHE A 46 6.94 20.92 28.79
CA PHE A 46 5.68 21.39 29.33
C PHE A 46 4.82 20.21 29.64
N SER A 47 3.99 20.33 30.65
CA SER A 47 2.88 19.41 30.81
C SER A 47 1.79 20.03 29.95
N PHE A 48 0.78 19.23 29.64
CA PHE A 48 -0.37 19.73 28.89
C PHE A 48 -1.23 20.65 29.77
N ALA A 49 -1.23 20.38 31.08
CA ALA A 49 -1.95 21.24 32.02
C ALA A 49 -1.27 22.60 32.13
N GLY A 50 -0.01 22.69 31.72
CA GLY A 50 0.71 23.97 31.65
C GLY A 50 0.09 25.00 30.71
N ALA A 51 -0.95 24.57 29.99
CA ALA A 51 -1.69 25.38 29.04
C ALA A 51 -2.50 26.53 29.65
N ALA A 52 -2.29 27.73 29.10
CA ALA A 52 -3.03 28.96 29.44
C ALA A 52 -4.55 28.87 29.27
N THR A 53 -4.99 28.10 28.29
CA THR A 53 -6.42 27.85 28.11
C THR A 53 -6.62 26.36 27.87
N VAL A 54 -7.56 25.80 28.59
CA VAL A 54 -7.90 24.41 28.44
C VAL A 54 -9.42 24.35 28.44
N THR A 55 -10.03 23.67 27.46
CA THR A 55 -11.47 23.36 27.51
C THR A 55 -11.69 21.86 27.37
N HIS A 56 -12.89 21.40 27.71
CA HIS A 56 -13.26 20.00 27.51
C HIS A 56 -14.67 19.89 26.97
N GLU A 57 -14.86 18.92 26.09
CA GLU A 57 -16.13 18.71 25.46
C GLU A 57 -16.49 17.24 25.57
N ARG A 58 -17.63 16.96 26.19
CA ARG A 58 -18.17 15.61 26.23
C ARG A 58 -18.78 15.35 24.87
N ILE A 59 -18.56 14.15 24.34
CA ILE A 59 -18.91 13.87 22.94
C ILE A 59 -19.42 12.47 22.76
N GLU A 60 -20.56 12.37 22.06
CA GLU A 60 -21.11 11.09 21.58
C GLU A 60 -21.24 11.10 20.05
N THR A 61 -20.65 10.10 19.39
CA THR A 61 -20.80 9.93 17.95
C THR A 61 -21.51 8.62 17.68
N GLY A 62 -21.88 8.44 16.42
CA GLY A 62 -22.36 7.16 15.94
C GLY A 62 -21.36 6.05 16.18
N THR A 63 -20.07 6.40 16.17
CA THR A 63 -19.00 5.41 16.34
C THR A 63 -18.54 5.22 17.78
N GLY A 64 -18.53 6.30 18.56
CA GLY A 64 -18.15 6.20 19.96
C GLY A 64 -18.33 7.45 20.82
N VAL A 65 -17.90 7.32 22.07
CA VAL A 65 -18.17 8.30 23.13
C VAL A 65 -16.94 8.50 23.98
N GLY A 66 -16.69 9.76 24.31
CA GLY A 66 -15.50 10.14 25.06
C GLY A 66 -15.41 11.65 25.12
N VAL A 67 -14.19 12.18 25.13
CA VAL A 67 -13.97 13.60 25.40
C VAL A 67 -12.91 14.20 24.50
N ARG A 68 -13.14 15.45 24.13
CA ARG A 68 -12.23 16.19 23.29
C ARG A 68 -11.74 17.41 24.06
N SER A 69 -10.43 17.51 24.21
CA SER A 69 -9.79 18.54 25.03
C SER A 69 -8.95 19.43 24.14
N VAL A 70 -9.26 20.73 24.11
CA VAL A 70 -8.39 21.70 23.44
C VAL A 70 -7.39 22.23 24.45
N PHE A 71 -6.18 22.55 23.99
CA PHE A 71 -5.16 23.16 24.82
C PHE A 71 -4.55 24.29 24.06
N ALA A 72 -4.69 25.53 24.55
CA ALA A 72 -4.07 26.71 23.91
C ALA A 72 -3.13 27.45 24.87
N GLY A 73 -2.40 28.44 24.36
CA GLY A 73 -1.44 29.23 25.15
C GLY A 73 -0.44 28.37 25.93
N PHE A 74 0.84 28.69 25.82
CA PHE A 74 1.90 27.95 26.53
C PHE A 74 3.03 28.88 26.86
N ALA A 75 3.68 28.64 28.00
CA ALA A 75 4.78 29.51 28.45
C ALA A 75 4.33 30.97 28.33
N GLY A 76 4.18 31.37 27.08
CA GLY A 76 3.72 32.68 26.65
C GLY A 76 3.54 32.60 25.14
N ALA A 77 4.29 31.69 24.52
CA ALA A 77 4.09 31.26 23.13
C ALA A 77 2.66 30.84 22.87
N ASP A 78 2.21 31.04 21.62
CA ASP A 78 0.84 30.73 21.23
C ASP A 78 0.58 29.22 21.30
N TYR A 79 0.51 28.55 20.15
CA TYR A 79 0.55 27.09 20.11
C TYR A 79 -0.59 26.35 20.78
N ALA A 80 -1.25 25.48 20.03
CA ALA A 80 -2.41 24.73 20.51
C ALA A 80 -2.55 23.38 19.85
N PHE A 81 -3.46 22.57 20.40
CA PHE A 81 -3.76 21.25 19.87
C PHE A 81 -4.95 20.65 20.62
N GLU A 82 -5.38 19.46 20.24
CA GLU A 82 -6.47 18.79 20.93
C GLU A 82 -6.02 17.40 21.34
N THR A 83 -6.87 16.73 22.12
CA THR A 83 -6.81 15.28 22.30
C THR A 83 -8.22 14.77 22.22
N TYR A 84 -8.38 13.49 21.95
CA TYR A 84 -9.68 12.87 21.89
C TYR A 84 -9.47 11.46 22.41
N ILE A 85 -10.23 11.14 23.45
CA ILE A 85 -10.08 9.89 24.15
C ILE A 85 -11.46 9.30 24.20
N TRP A 86 -11.64 8.12 23.65
CA TRP A 86 -12.98 7.59 23.38
C TRP A 86 -13.09 6.06 23.23
N ILE A 87 -14.30 5.55 23.43
CA ILE A 87 -14.58 4.13 23.31
C ILE A 87 -15.29 3.78 22.00
N GLU A 88 -14.60 3.06 21.11
CA GLU A 88 -15.22 2.55 19.90
C GLU A 88 -16.41 1.67 20.32
N ARG A 89 -17.60 1.96 19.80
CA ARG A 89 -18.80 1.13 20.08
C ARG A 89 -18.55 -0.32 19.67
N SER A 90 -18.27 -0.54 18.39
CA SER A 90 -18.09 -1.88 17.82
C SER A 90 -17.24 -2.90 18.59
N SER A 91 -16.23 -2.44 19.35
CA SER A 91 -15.16 -3.32 19.83
C SER A 91 -14.87 -3.32 21.33
N GLY A 92 -15.16 -2.21 22.01
CA GLY A 92 -14.66 -2.00 23.37
C GLY A 92 -13.14 -1.84 23.33
N ASP A 93 -12.71 -0.85 22.56
CA ASP A 93 -11.32 -0.40 22.51
C ASP A 93 -11.32 1.06 22.87
N VAL A 94 -10.19 1.52 23.40
CA VAL A 94 -10.03 2.94 23.69
C VAL A 94 -9.02 3.52 22.71
N LEU A 95 -9.29 4.75 22.28
CA LEU A 95 -8.51 5.39 21.22
C LEU A 95 -8.12 6.78 21.65
N CYS A 96 -6.86 7.10 21.37
CA CYS A 96 -6.28 8.34 21.84
C CYS A 96 -5.72 9.09 20.65
N GLU A 97 -6.18 10.32 20.46
CA GLU A 97 -5.83 11.08 19.28
C GLU A 97 -5.17 12.39 19.70
N TRP A 98 -3.93 12.59 19.29
CA TRP A 98 -3.27 13.87 19.48
C TRP A 98 -3.32 14.61 18.16
N VAL A 99 -3.83 15.84 18.19
CA VAL A 99 -4.32 16.49 17.02
C VAL A 99 -3.77 17.88 16.91
N PRO A 100 -2.88 18.12 15.93
CA PRO A 100 -2.38 19.48 15.74
C PRO A 100 -3.46 20.44 15.29
N LEU A 101 -3.29 21.72 15.59
CA LEU A 101 -4.29 22.76 15.31
C LEU A 101 -3.57 24.01 14.85
N ARG A 102 -2.81 24.61 15.76
CA ARG A 102 -2.02 25.79 15.44
C ARG A 102 -0.60 25.55 15.92
N GLU A 103 0.37 25.98 15.11
CA GLU A 103 1.80 25.74 15.36
C GLU A 103 2.67 26.99 15.20
N CYS A 104 2.34 27.80 14.19
CA CYS A 104 2.96 29.12 13.92
C CYS A 104 4.48 29.03 13.71
N GLY A 105 5.15 30.16 13.58
CA GLY A 105 6.62 30.18 13.66
C GLY A 105 7.09 29.71 15.03
N ALA A 106 6.44 28.64 15.52
CA ALA A 106 6.54 28.13 16.89
C ALA A 106 7.58 28.85 17.76
N GLU A 107 8.82 28.38 17.71
CA GLU A 107 9.96 28.93 18.45
C GLU A 107 9.99 28.55 19.94
N PRO A 108 10.86 27.61 20.31
CA PRO A 108 11.37 26.66 19.32
C PRO A 108 10.31 25.64 18.88
N ARG A 109 10.57 25.01 17.74
CA ARG A 109 9.95 23.74 17.35
C ARG A 109 9.61 22.84 18.56
N ILE A 110 8.45 22.18 18.50
CA ILE A 110 8.12 21.10 19.44
C ILE A 110 8.92 19.87 19.08
N ASP A 111 9.90 19.51 19.88
CA ASP A 111 10.82 18.43 19.53
C ASP A 111 10.22 17.04 19.70
N ARG A 112 9.36 16.87 20.69
CA ARG A 112 8.80 15.54 20.97
C ARG A 112 7.49 15.68 21.70
N VAL A 113 6.72 14.60 21.73
CA VAL A 113 5.49 14.59 22.49
C VAL A 113 5.33 13.25 23.14
N LEU A 114 5.27 13.27 24.48
CA LEU A 114 5.09 12.07 25.27
C LEU A 114 3.67 12.04 25.72
N TRP A 115 2.88 11.19 25.07
CA TRP A 115 1.47 11.08 25.32
C TRP A 115 1.03 9.92 24.46
N PRO A 116 0.07 9.09 24.94
CA PRO A 116 -0.56 9.20 26.23
C PRO A 116 0.42 8.79 27.32
N ALA A 117 0.22 9.34 28.50
CA ALA A 117 1.15 9.12 29.58
C ALA A 117 1.07 7.64 29.95
N PRO A 118 2.22 7.06 30.29
CA PRO A 118 2.40 5.62 30.60
C PRO A 118 1.46 5.09 31.68
N LEU A 119 1.00 3.86 31.53
CA LEU A 119 0.03 3.31 32.48
C LEU A 119 0.76 2.76 33.68
N SER A 120 0.22 3.07 34.86
CA SER A 120 0.68 2.50 36.13
C SER A 120 0.73 0.97 36.06
N PHE A 121 1.83 0.41 36.54
CA PHE A 121 2.09 -1.05 36.45
C PHE A 121 3.27 -1.34 37.37
N ASP A 122 3.10 -1.00 38.64
CA ASP A 122 4.25 -0.86 39.53
C ASP A 122 4.45 -2.02 40.52
N ARG A 123 3.77 -3.14 40.26
CA ARG A 123 3.71 -4.27 41.18
C ARG A 123 5.06 -4.81 41.67
N ALA A 124 5.77 -5.54 40.82
CA ALA A 124 6.82 -6.47 41.25
C ALA A 124 6.07 -7.73 41.63
N ASP A 125 6.32 -8.79 40.88
CA ASP A 125 5.50 -10.00 40.93
C ASP A 125 6.00 -11.02 39.92
N ALA A 126 6.98 -10.62 39.10
CA ALA A 126 7.81 -11.53 38.28
C ALA A 126 7.00 -12.25 37.21
N HIS A 127 5.70 -12.37 37.46
CA HIS A 127 4.74 -12.81 36.47
C HIS A 127 3.93 -11.61 35.98
N ASP A 128 4.14 -10.46 36.60
CA ASP A 128 3.74 -9.18 36.02
C ASP A 128 4.85 -8.75 35.07
N VAL A 129 4.57 -8.81 33.76
CA VAL A 129 5.56 -8.55 32.71
C VAL A 129 5.17 -7.44 31.74
N THR A 130 6.17 -6.92 31.04
CA THR A 130 6.01 -5.98 29.94
C THR A 130 6.61 -6.64 28.70
N LEU A 131 5.96 -6.46 27.55
CA LEU A 131 6.45 -6.96 26.26
C LEU A 131 6.84 -5.79 25.40
N ILE A 132 8.00 -5.88 24.76
CA ILE A 132 8.43 -4.84 23.82
C ILE A 132 9.00 -5.45 22.57
N THR A 133 8.97 -4.65 21.50
CA THR A 133 9.28 -5.15 20.15
C THR A 133 10.74 -4.96 19.71
N HIS A 134 11.62 -4.72 20.68
CA HIS A 134 13.04 -4.61 20.40
C HIS A 134 13.54 -5.90 19.78
N GLU A 135 13.82 -5.77 18.48
CA GLU A 135 14.17 -6.85 17.57
C GLU A 135 13.19 -8.01 17.88
N GLN A 136 13.59 -9.26 17.73
CA GLN A 136 12.62 -10.35 17.68
C GLN A 136 11.69 -10.36 18.90
N GLY A 137 12.17 -9.97 20.07
CA GLY A 137 11.26 -9.76 21.19
C GLY A 137 11.85 -9.90 22.57
N VAL A 138 11.23 -9.22 23.53
CA VAL A 138 11.71 -9.20 24.90
C VAL A 138 10.57 -9.12 25.94
N MET A 139 10.58 -10.08 26.88
CA MET A 139 9.63 -10.11 28.01
C MET A 139 10.35 -9.66 29.26
N ILE A 140 9.75 -8.71 29.94
CA ILE A 140 10.44 -7.96 30.96
C ILE A 140 9.66 -7.96 32.25
N PRO A 141 10.02 -8.89 33.15
CA PRO A 141 9.45 -9.03 34.48
C PRO A 141 9.58 -7.74 35.29
N ASN A 142 8.57 -7.41 36.07
CA ASN A 142 8.63 -6.22 36.91
C ASN A 142 9.67 -6.35 38.03
N SER A 143 10.17 -7.57 38.23
CA SER A 143 11.32 -7.85 39.09
C SER A 143 12.60 -7.51 38.35
N TRP A 144 12.69 -8.07 37.16
CA TRP A 144 13.94 -8.35 36.44
C TRP A 144 15.18 -7.58 36.96
N PRO A 145 16.32 -8.29 37.11
CA PRO A 145 17.54 -7.71 37.68
C PRO A 145 18.04 -6.40 37.07
N THR A 146 18.33 -6.44 35.76
CA THR A 146 19.01 -5.36 35.01
C THR A 146 18.16 -4.13 34.65
N GLU A 147 18.80 -2.96 34.61
CA GLU A 147 18.16 -1.75 34.08
C GLU A 147 17.80 -1.91 32.59
N VAL A 148 16.64 -1.36 32.23
CA VAL A 148 16.20 -1.21 30.83
C VAL A 148 15.65 0.19 30.60
N GLY A 149 16.47 1.01 29.93
CA GLY A 149 16.08 2.36 29.55
C GLY A 149 15.94 2.51 28.04
N THR A 150 15.21 3.54 27.64
CA THR A 150 15.10 3.88 26.23
C THR A 150 16.49 3.97 25.63
N ASP A 151 17.36 4.74 26.26
CA ASP A 151 18.70 4.91 25.76
C ASP A 151 19.51 3.61 25.62
N ALA A 152 18.94 2.46 25.98
CA ALA A 152 19.57 1.12 25.78
C ALA A 152 18.87 0.23 24.73
N VAL A 153 17.86 0.81 24.11
CA VAL A 153 17.17 0.22 23.00
C VAL A 153 17.75 0.86 21.75
N SER A 154 17.86 0.08 20.68
CA SER A 154 18.40 0.55 19.42
C SER A 154 17.51 1.66 18.87
N PHE A 155 18.12 2.63 18.19
CA PHE A 155 17.40 3.78 17.63
C PHE A 155 16.39 4.48 18.58
N GLY A 156 16.58 4.35 19.90
CA GLY A 156 15.84 5.14 20.89
C GLY A 156 14.38 4.81 20.95
N GLY A 157 14.08 3.54 20.70
CA GLY A 157 12.73 2.99 20.75
C GLY A 157 11.87 3.47 19.61
N ARG A 158 12.51 3.62 18.45
CA ARG A 158 11.83 4.10 17.27
C ARG A 158 11.09 2.95 16.62
N PHE A 159 9.82 3.15 16.33
CA PHE A 159 9.08 2.19 15.50
C PHE A 159 9.57 2.25 14.08
N GLU A 160 9.28 1.18 13.37
CA GLU A 160 9.78 0.96 12.03
C GLU A 160 11.30 0.87 11.98
N THR A 161 11.90 0.43 13.08
CA THR A 161 13.33 0.09 13.10
C THR A 161 13.58 -1.20 13.89
N ALA A 162 14.84 -1.63 13.90
CA ALA A 162 15.28 -2.69 14.79
C ALA A 162 14.89 -2.38 16.22
N GLY A 163 14.72 -1.10 16.54
CA GLY A 163 14.40 -0.72 17.91
C GLY A 163 12.99 -1.04 18.30
N GLY A 164 12.15 -1.24 17.30
CA GLY A 164 10.77 -1.59 17.51
C GLY A 164 10.22 -2.13 16.21
N TYR A 165 10.60 -3.38 15.93
CA TYR A 165 10.09 -4.16 14.81
C TYR A 165 8.63 -3.81 14.39
N MET A 166 7.71 -3.85 15.36
CA MET A 166 6.30 -3.58 15.15
C MET A 166 5.81 -2.44 16.06
N PRO A 167 4.83 -1.62 15.59
CA PRO A 167 4.33 -0.46 16.36
C PRO A 167 3.39 -0.78 17.54
N TRP A 168 3.88 -1.55 18.50
CA TRP A 168 3.11 -1.79 19.70
C TRP A 168 3.96 -2.19 20.92
N PHE A 169 3.35 -2.07 22.08
CA PHE A 169 3.86 -2.67 23.29
C PHE A 169 2.68 -3.12 24.11
N ALA A 170 2.96 -3.92 25.12
CA ALA A 170 1.90 -4.44 25.95
C ALA A 170 2.40 -4.82 27.36
N GLN A 171 1.50 -4.65 28.33
CA GLN A 171 1.78 -5.01 29.72
C GLN A 171 0.69 -5.93 30.26
N LEU A 172 1.16 -7.05 30.82
CA LEU A 172 0.34 -8.20 31.25
C LEU A 172 0.54 -8.48 32.74
N ARG A 173 -0.56 -8.68 33.47
CA ARG A 173 -0.53 -9.10 34.87
C ARG A 173 -0.57 -10.65 34.95
N SER A 174 -0.23 -11.22 36.10
CA SER A 174 -0.39 -12.69 36.32
C SER A 174 -1.86 -13.13 36.21
N ASP A 175 -2.77 -12.25 36.66
CA ASP A 175 -4.20 -12.29 36.32
C ASP A 175 -4.52 -13.01 35.01
N GLY A 176 -3.83 -12.60 33.94
CA GLY A 176 -4.23 -12.90 32.56
C GLY A 176 -4.91 -11.68 31.92
N HIS A 177 -4.97 -10.59 32.68
CA HIS A 177 -5.58 -9.34 32.26
C HIS A 177 -4.42 -8.47 31.77
N ALA A 178 -4.51 -8.02 30.52
CA ALA A 178 -3.42 -7.30 29.86
C ALA A 178 -3.96 -6.16 29.04
N TYR A 179 -3.07 -5.27 28.62
CA TYR A 179 -3.39 -4.29 27.57
C TYR A 179 -2.31 -4.23 26.53
N ILE A 180 -2.74 -4.07 25.29
CA ILE A 180 -1.85 -3.80 24.18
C ILE A 180 -2.14 -2.40 23.65
N ALA A 181 -1.06 -1.62 23.51
CA ALA A 181 -1.16 -0.32 22.88
C ALA A 181 -0.52 -0.46 21.51
N ILE A 182 -1.30 -0.11 20.48
CA ILE A 182 -0.87 -0.17 19.09
C ILE A 182 -0.75 1.25 18.56
N CYS A 183 0.38 1.55 17.92
CA CYS A 183 0.56 2.87 17.33
C CYS A 183 0.03 2.78 15.92
N GLU A 184 -1.06 3.48 15.66
CA GLU A 184 -1.66 3.51 14.33
C GLU A 184 -0.96 4.49 13.39
N THR A 185 -0.10 5.37 13.92
CA THR A 185 0.63 6.40 13.16
C THR A 185 2.11 6.44 13.54
N PRO A 186 2.84 5.37 13.17
CA PRO A 186 4.19 5.13 13.65
C PRO A 186 5.36 5.86 12.94
N TRP A 187 5.11 6.43 11.79
CA TRP A 187 6.22 6.78 10.90
C TRP A 187 7.16 7.80 11.52
N ASN A 188 6.57 8.67 12.35
CA ASN A 188 7.30 9.62 13.18
C ASN A 188 6.98 9.32 14.64
N ALA A 189 7.40 8.16 15.12
CA ALA A 189 6.99 7.70 16.44
C ALA A 189 7.84 6.57 16.99
N GLY A 190 7.67 6.36 18.29
CA GLY A 190 8.34 5.31 18.99
C GLY A 190 7.87 5.22 20.42
N TYR A 191 8.50 4.31 21.13
CA TYR A 191 8.19 4.12 22.52
C TYR A 191 9.38 4.51 23.39
N ASP A 192 9.04 4.65 24.66
CA ASP A 192 9.93 5.10 25.71
C ASP A 192 9.77 4.01 26.77
N ILE A 193 10.86 3.55 27.36
CA ILE A 193 10.76 2.55 28.43
C ILE A 193 11.64 2.87 29.64
N ASP A 194 11.02 2.94 30.81
CA ASP A 194 11.75 3.08 32.08
C ASP A 194 11.56 1.90 33.02
N HIS A 195 12.49 0.96 33.04
CA HIS A 195 12.49 -0.11 34.01
C HIS A 195 13.77 -0.04 34.81
N PRO A 196 13.69 0.50 36.03
CA PRO A 196 14.92 0.53 36.80
C PRO A 196 15.37 -0.91 37.07
N ALA A 197 16.65 -1.10 37.37
CA ALA A 197 17.17 -2.40 37.76
C ALA A 197 16.43 -2.83 39.02
N GLY A 198 15.95 -4.07 39.01
CA GLY A 198 15.21 -4.63 40.14
C GLY A 198 13.78 -4.15 40.31
N GLY A 199 13.26 -3.40 39.35
CA GLY A 199 11.89 -2.90 39.45
C GLY A 199 11.69 -1.90 40.57
N PRO A 200 10.56 -1.98 41.29
CA PRO A 200 9.44 -2.88 41.09
C PRO A 200 8.60 -2.63 39.80
N TYR A 201 8.56 -1.38 39.31
CA TYR A 201 7.71 -1.01 38.16
C TYR A 201 8.40 -1.07 36.79
N THR A 202 7.55 -1.01 35.76
CA THR A 202 7.96 -0.89 34.37
C THR A 202 7.01 0.04 33.63
N HIS A 203 7.51 1.23 33.33
CA HIS A 203 6.72 2.24 32.64
C HIS A 203 7.04 2.34 31.13
N VAL A 204 5.98 2.31 30.32
CA VAL A 204 6.10 2.43 28.86
C VAL A 204 5.09 3.40 28.25
N GLY A 205 5.61 4.35 27.48
CA GLY A 205 4.83 5.41 26.85
C GLY A 205 5.20 5.62 25.40
N MET A 206 4.28 6.19 24.64
CA MET A 206 4.49 6.46 23.22
C MET A 206 5.05 7.83 23.12
N TRP A 207 6.01 8.02 22.22
CA TRP A 207 6.44 9.36 21.89
C TRP A 207 6.20 9.66 20.41
N PHE A 208 6.11 10.95 20.08
CA PHE A 208 5.84 11.39 18.73
C PHE A 208 6.77 12.57 18.42
N GLU A 209 7.45 12.49 17.29
CA GLU A 209 8.31 13.56 16.82
C GLU A 209 7.64 14.24 15.63
N PRO A 210 8.12 15.43 15.25
CA PRO A 210 7.56 16.12 14.08
C PRO A 210 7.94 15.50 12.73
N SER A 211 7.21 15.91 11.70
CA SER A 211 7.42 15.48 10.33
C SER A 211 7.86 16.67 9.58
N LEU A 212 9.08 16.64 9.08
CA LEU A 212 9.70 17.85 8.50
C LEU A 212 9.42 19.12 9.34
N GLY A 213 9.62 18.99 10.63
CA GLY A 213 9.54 20.12 11.55
C GLY A 213 8.17 20.56 12.05
N ARG A 214 7.12 19.86 11.67
CA ARG A 214 5.79 20.19 12.16
C ARG A 214 5.16 18.89 12.56
N MET A 215 4.38 18.91 13.64
CA MET A 215 3.65 17.72 14.05
C MET A 215 2.70 17.31 12.91
N ASP A 216 2.24 18.32 12.17
CA ASP A 216 1.51 18.15 10.91
C ASP A 216 0.18 17.40 11.02
N TYR A 217 0.20 16.14 11.42
CA TYR A 217 -0.93 15.25 11.26
C TYR A 217 -1.29 14.52 12.55
N ARG A 218 -2.57 14.21 12.71
CA ARG A 218 -3.08 13.43 13.85
C ARG A 218 -2.21 12.22 14.17
N ARG A 219 -1.91 12.05 15.44
CA ARG A 219 -1.22 10.86 15.91
C ARG A 219 -2.21 10.10 16.76
N VAL A 220 -2.23 8.78 16.66
CA VAL A 220 -3.33 7.99 17.23
C VAL A 220 -2.89 6.65 17.81
N VAL A 221 -3.18 6.46 19.08
CA VAL A 221 -2.91 5.20 19.74
C VAL A 221 -4.22 4.51 20.10
N ARG A 222 -4.23 3.19 19.91
CA ARG A 222 -5.39 2.34 20.08
C ARG A 222 -5.05 1.34 21.12
N TYR A 223 -5.83 1.34 22.20
CA TYR A 223 -5.65 0.39 23.29
C TYR A 223 -6.76 -0.64 23.25
N ARG A 224 -6.39 -1.92 23.36
CA ARG A 224 -7.33 -3.01 23.56
C ARG A 224 -7.01 -3.75 24.83
N LEU A 225 -7.96 -3.75 25.78
CA LEU A 225 -7.84 -4.47 27.05
C LEU A 225 -8.25 -5.93 26.92
N LEU A 226 -7.47 -6.82 27.55
CA LEU A 226 -7.69 -8.27 27.40
C LEU A 226 -7.90 -8.98 28.73
N ASP A 227 -8.55 -10.15 28.64
CA ASP A 227 -8.75 -11.06 29.78
C ASP A 227 -8.32 -12.47 29.38
N HIS A 228 -7.93 -13.29 30.36
CA HIS A 228 -7.44 -14.67 30.11
C HIS A 228 -6.31 -14.68 29.05
N ALA A 229 -5.43 -13.70 29.17
CA ALA A 229 -4.48 -13.35 28.10
C ALA A 229 -3.03 -13.78 28.39
N ASP A 230 -2.46 -14.58 27.49
CA ASP A 230 -1.00 -14.85 27.48
C ASP A 230 -0.29 -14.01 26.41
N HIS A 231 1.03 -14.06 26.39
CA HIS A 231 1.80 -13.28 25.44
C HIS A 231 1.54 -13.71 23.98
N THR A 232 1.23 -15.00 23.78
CA THR A 232 0.83 -15.47 22.45
C THR A 232 -0.45 -14.78 21.98
N ALA A 233 -1.48 -14.77 22.82
CA ALA A 233 -2.75 -14.13 22.48
C ALA A 233 -2.56 -12.66 22.12
N ILE A 234 -1.79 -11.95 22.95
CA ILE A 234 -1.49 -10.52 22.72
C ILE A 234 -0.89 -10.30 21.33
N CYS A 235 0.09 -11.11 20.95
CA CYS A 235 0.60 -11.03 19.59
C CYS A 235 -0.52 -11.13 18.56
N LYS A 236 -1.44 -12.09 18.72
CA LYS A 236 -2.52 -12.26 17.74
C LYS A 236 -3.40 -11.02 17.58
N THR A 237 -3.75 -10.41 18.70
CA THR A 237 -4.44 -9.13 18.63
C THR A 237 -3.87 -8.30 17.49
N TYR A 238 -2.60 -7.92 17.63
CA TYR A 238 -1.93 -7.09 16.62
C TYR A 238 -1.94 -7.80 15.25
N ARG A 239 -1.61 -9.10 15.20
CA ARG A 239 -1.70 -9.84 13.92
C ARG A 239 -2.99 -9.44 13.20
N ALA A 240 -4.10 -9.67 13.89
CA ALA A 240 -5.42 -9.46 13.34
C ALA A 240 -5.52 -8.03 12.86
N TYR A 241 -5.17 -7.11 13.74
CA TYR A 241 -5.18 -5.68 13.44
C TYR A 241 -4.55 -5.40 12.05
N VAL A 242 -3.41 -6.03 11.80
CA VAL A 242 -2.67 -5.77 10.58
C VAL A 242 -3.36 -6.39 9.40
N ASN A 243 -3.73 -7.65 9.53
CA ASN A 243 -4.51 -8.29 8.48
C ASN A 243 -5.83 -7.54 8.20
N GLU A 244 -6.42 -6.95 9.23
CA GLU A 244 -7.68 -6.21 9.06
C GLU A 244 -7.50 -4.91 8.23
N ARG A 245 -6.23 -4.58 7.99
CA ARG A 245 -5.79 -3.44 7.17
C ARG A 245 -4.92 -3.90 5.99
N GLY A 246 -4.81 -5.21 5.82
CA GLY A 246 -4.30 -5.79 4.57
C GLY A 246 -2.83 -5.59 4.36
N ARG A 247 -2.08 -5.79 5.46
CA ARG A 247 -0.63 -5.80 5.41
C ARG A 247 -0.08 -7.02 6.11
N LEU A 248 -0.90 -8.07 6.24
CA LEU A 248 -0.41 -9.38 6.63
C LEU A 248 -0.20 -10.16 5.34
N ARG A 249 0.87 -9.84 4.66
CA ARG A 249 1.18 -10.52 3.44
C ARG A 249 1.93 -11.80 3.75
N THR A 250 1.22 -12.91 3.61
CA THR A 250 1.78 -14.22 3.82
C THR A 250 2.74 -14.62 2.73
N LEU A 251 3.62 -15.53 3.08
CA LEU A 251 4.55 -16.12 2.14
C LEU A 251 3.78 -16.75 1.01
N ALA A 252 2.75 -17.50 1.39
CA ALA A 252 1.75 -18.05 0.45
C ALA A 252 1.33 -17.02 -0.62
N GLU A 253 0.60 -15.98 -0.22
CA GLU A 253 0.25 -14.87 -1.12
C GLU A 253 1.41 -14.42 -2.00
N LYS A 254 2.61 -14.39 -1.42
CA LYS A 254 3.79 -13.93 -2.12
C LYS A 254 4.23 -14.96 -3.14
N ALA A 255 4.16 -16.22 -2.74
CA ALA A 255 4.44 -17.34 -3.62
C ALA A 255 3.60 -17.21 -4.89
N ALA A 256 2.28 -17.23 -4.73
CA ALA A 256 1.36 -17.10 -5.85
C ALA A 256 1.81 -16.12 -6.92
N ARG A 257 2.64 -15.14 -6.56
CA ARG A 257 3.19 -14.17 -7.52
C ARG A 257 4.55 -14.62 -8.07
N ASN A 258 5.44 -15.00 -7.16
CA ASN A 258 6.79 -15.47 -7.50
C ASN A 258 6.96 -16.79 -6.81
N PRO A 259 6.98 -17.89 -7.57
CA PRO A 259 6.88 -19.18 -6.89
C PRO A 259 8.20 -19.63 -6.27
N SER A 260 9.31 -19.07 -6.76
CA SER A 260 10.64 -19.35 -6.17
C SER A 260 10.68 -19.13 -4.66
N VAL A 261 9.78 -18.31 -4.13
CA VAL A 261 9.66 -18.19 -2.69
C VAL A 261 9.86 -19.55 -2.02
N ARG A 262 9.12 -20.56 -2.46
CA ARG A 262 9.15 -21.87 -1.79
C ARG A 262 10.54 -22.46 -1.70
N ASP A 263 11.29 -22.27 -2.78
CA ASP A 263 12.69 -22.67 -2.88
C ASP A 263 13.53 -22.28 -1.65
N LEU A 264 13.08 -21.26 -0.91
CA LEU A 264 13.86 -20.77 0.23
C LEU A 264 13.71 -21.65 1.46
N LEU A 265 12.68 -22.47 1.49
CA LEU A 265 12.49 -23.34 2.63
C LEU A 265 13.64 -24.35 2.66
N GLY A 266 13.88 -24.93 3.82
CA GLY A 266 14.97 -25.87 4.02
C GLY A 266 16.39 -25.37 3.81
N ARG A 267 16.59 -24.32 3.03
CA ARG A 267 17.93 -23.93 2.64
C ARG A 267 18.83 -23.52 3.80
N SER A 268 20.12 -23.48 3.49
CA SER A 268 21.17 -23.11 4.45
C SER A 268 21.90 -21.87 3.98
N TRP A 269 22.37 -21.05 4.93
CA TRP A 269 22.89 -19.72 4.58
C TRP A 269 24.41 -19.61 4.50
N VAL A 270 24.89 -18.91 3.47
CA VAL A 270 26.32 -18.71 3.24
C VAL A 270 26.63 -17.25 2.89
N HIS A 271 27.03 -16.49 3.91
CA HIS A 271 27.29 -15.05 3.81
C HIS A 271 28.78 -14.82 3.85
N VAL A 272 29.34 -14.41 2.71
CA VAL A 272 30.78 -14.34 2.54
C VAL A 272 31.07 -13.40 1.41
N GLY A 273 32.28 -12.85 1.37
CA GLY A 273 32.56 -11.71 0.48
C GLY A 273 33.71 -11.82 -0.49
N ILE A 274 33.76 -10.85 -1.39
CA ILE A 274 34.76 -10.82 -2.42
C ILE A 274 35.77 -9.78 -1.97
N LYS A 275 35.57 -8.52 -2.32
CA LYS A 275 36.57 -7.47 -2.10
C LYS A 275 36.30 -6.75 -0.78
N THR A 276 37.39 -6.32 -0.18
CA THR A 276 37.38 -5.54 1.03
C THR A 276 38.34 -4.42 0.75
N ASN A 277 37.96 -3.20 1.13
CA ASN A 277 38.71 -2.04 0.73
C ASN A 277 38.45 -0.86 1.63
N VAL A 278 38.89 -0.99 2.88
CA VAL A 278 38.65 -0.01 3.92
C VAL A 278 39.46 1.23 3.61
N GLN A 279 38.80 2.38 3.66
CA GLN A 279 39.42 3.62 3.22
C GLN A 279 40.08 4.32 4.40
N PRO A 280 41.07 5.20 4.13
CA PRO A 280 41.81 5.92 5.17
C PRO A 280 40.88 6.73 6.06
N ASP A 281 39.85 7.31 5.47
CA ASP A 281 38.89 8.12 6.24
C ASP A 281 37.86 7.27 6.97
N SER A 282 37.89 5.95 6.75
CA SER A 282 36.94 5.06 7.44
C SER A 282 37.27 4.92 8.89
N SER A 283 36.21 4.87 9.68
CA SER A 283 36.35 4.70 11.10
C SER A 283 36.92 3.33 11.44
N PHE A 284 37.02 2.45 10.44
CA PHE A 284 37.57 1.09 10.64
C PHE A 284 39.02 0.97 10.19
N TYR A 285 39.61 2.06 9.68
CA TYR A 285 40.94 2.01 9.10
C TYR A 285 41.99 1.69 10.14
N ASP A 286 42.90 0.80 9.77
CA ASP A 286 44.02 0.43 10.62
C ASP A 286 45.26 0.89 9.90
N PRO A 287 45.83 2.04 10.30
CA PRO A 287 46.92 2.62 9.52
C PRO A 287 48.20 1.82 9.67
N ALA A 288 48.20 0.85 10.59
CA ALA A 288 49.21 -0.18 10.59
C ALA A 288 48.89 -1.21 9.49
N GLN A 289 48.06 -2.20 9.81
CA GLN A 289 47.90 -3.42 9.01
C GLN A 289 47.27 -3.23 7.63
N PRO A 290 48.08 -2.99 6.57
CA PRO A 290 47.46 -2.74 5.26
C PRO A 290 46.71 -3.96 4.70
N GLY A 291 47.06 -5.15 5.21
CA GLY A 291 46.38 -6.38 4.83
C GLY A 291 44.96 -6.45 5.39
N LYS A 292 44.77 -5.92 6.59
CA LYS A 292 43.43 -5.97 7.22
C LYS A 292 42.47 -5.03 6.49
N ASN A 293 43.01 -3.90 6.05
CA ASN A 293 42.23 -2.94 5.30
C ASN A 293 41.86 -3.48 3.94
N ASP A 294 42.76 -4.24 3.33
CA ASP A 294 42.64 -4.56 1.90
C ASP A 294 42.84 -6.04 1.57
N SER A 295 41.74 -6.74 1.26
CA SER A 295 41.78 -8.18 1.01
C SER A 295 40.83 -8.57 -0.11
N LEU A 296 41.18 -9.59 -0.87
CA LEU A 296 40.37 -10.03 -2.02
C LEU A 296 40.29 -11.53 -2.14
N VAL A 297 39.07 -12.04 -2.27
CA VAL A 297 38.81 -13.45 -2.62
C VAL A 297 38.15 -13.44 -3.97
N THR A 298 38.71 -14.16 -4.94
CA THR A 298 38.16 -14.16 -6.31
C THR A 298 36.84 -14.89 -6.40
N PHE A 299 36.14 -14.64 -7.51
CA PHE A 299 34.93 -15.37 -7.82
C PHE A 299 35.27 -16.85 -7.88
N ALA A 300 36.35 -17.15 -8.62
CA ALA A 300 36.96 -18.50 -8.68
C ALA A 300 36.99 -19.27 -7.33
N GLN A 301 37.50 -18.61 -6.28
CA GLN A 301 37.66 -19.24 -4.98
C GLN A 301 36.32 -19.52 -4.37
N ARG A 302 35.40 -18.59 -4.55
CA ARG A 302 34.04 -18.79 -4.05
C ARG A 302 33.34 -19.92 -4.81
N GLU A 303 33.65 -20.05 -6.11
CA GLU A 303 33.16 -21.16 -6.95
C GLU A 303 33.61 -22.50 -6.37
N ARG A 304 34.91 -22.66 -6.25
CA ARG A 304 35.51 -23.82 -5.58
C ARG A 304 34.86 -24.05 -4.21
N GLN A 305 34.80 -22.99 -3.40
CA GLN A 305 34.22 -23.09 -2.05
C GLN A 305 32.83 -23.74 -2.07
N MET A 306 32.03 -23.39 -3.08
CA MET A 306 30.63 -23.82 -3.15
C MET A 306 30.51 -25.27 -3.59
N ARG A 307 31.23 -25.62 -4.66
CA ARG A 307 31.43 -27.04 -5.07
C ARG A 307 31.76 -27.90 -3.86
N THR A 308 32.87 -27.53 -3.22
CA THR A 308 33.36 -28.21 -2.03
C THR A 308 32.22 -28.41 -1.03
N LEU A 309 31.45 -27.36 -0.80
CA LEU A 309 30.36 -27.42 0.19
C LEU A 309 29.22 -28.36 -0.23
N HIS A 310 29.02 -28.50 -1.54
CA HIS A 310 28.08 -29.50 -2.07
C HIS A 310 28.64 -30.89 -1.83
N GLU A 311 29.83 -31.16 -2.39
CA GLU A 311 30.51 -32.47 -2.27
C GLU A 311 30.46 -33.00 -0.84
N MET A 312 30.69 -32.13 0.12
CA MET A 312 30.69 -32.49 1.53
C MET A 312 29.28 -32.86 2.02
N GLY A 313 28.29 -32.68 1.16
CA GLY A 313 26.89 -32.95 1.48
C GLY A 313 26.22 -31.88 2.34
N ALA A 314 26.50 -30.61 2.07
CA ALA A 314 25.88 -29.53 2.85
C ALA A 314 24.40 -29.53 2.53
N GLY A 315 24.13 -29.46 1.23
CA GLY A 315 22.78 -29.60 0.72
C GLY A 315 22.39 -28.38 -0.08
N ARG A 316 21.14 -27.97 0.14
CA ARG A 316 20.56 -26.80 -0.49
C ARG A 316 21.01 -25.50 0.20
N LEU A 317 21.53 -24.59 -0.62
CA LEU A 317 22.20 -23.40 -0.15
C LEU A 317 21.72 -22.14 -0.86
N TYR A 318 21.59 -21.08 -0.09
CA TYR A 318 21.53 -19.70 -0.60
C TYR A 318 22.89 -19.03 -0.33
N LEU A 319 23.48 -18.44 -1.37
CA LEU A 319 24.74 -17.70 -1.23
C LEU A 319 24.46 -16.21 -1.33
N HIS A 320 24.84 -15.50 -0.28
CA HIS A 320 24.76 -14.05 -0.26
C HIS A 320 26.20 -13.55 -0.44
N LEU A 321 26.43 -12.77 -1.49
CA LEU A 321 27.78 -12.30 -1.78
C LEU A 321 28.03 -10.79 -1.51
N ASP A 322 28.71 -10.50 -0.39
CA ASP A 322 29.16 -9.15 -0.05
C ASP A 322 30.31 -8.81 -1.00
N GLY A 323 30.57 -7.54 -1.22
CA GLY A 323 31.85 -7.07 -1.82
C GLY A 323 32.12 -7.40 -3.28
N TRP A 324 31.08 -7.78 -4.01
CA TRP A 324 31.23 -8.23 -5.39
C TRP A 324 31.53 -7.18 -6.47
N ALA A 325 31.46 -5.90 -6.16
CA ALA A 325 31.67 -4.88 -7.19
C ALA A 325 32.98 -4.18 -7.05
N GLN A 326 33.40 -3.51 -8.12
CA GLN A 326 34.72 -2.88 -8.24
C GLN A 326 35.20 -2.03 -7.04
N PRO A 327 34.33 -1.15 -6.49
CA PRO A 327 34.74 -0.30 -5.37
C PRO A 327 35.09 -1.07 -4.10
N GLY A 328 34.36 -2.15 -3.85
CA GLY A 328 34.62 -2.94 -2.65
C GLY A 328 33.55 -2.72 -1.61
N TYR A 329 33.38 -3.69 -0.72
CA TYR A 329 32.28 -3.62 0.23
C TYR A 329 32.18 -2.23 0.87
N ASP A 330 30.96 -1.68 0.88
CA ASP A 330 30.68 -0.36 1.43
C ASP A 330 31.52 0.79 0.85
N ASN A 331 31.92 0.63 -0.42
CA ASN A 331 32.58 1.69 -1.17
C ASN A 331 31.70 2.01 -2.35
N GLY A 332 31.75 3.25 -2.82
CA GLY A 332 31.15 3.68 -4.09
C GLY A 332 29.64 3.82 -4.24
N HIS A 333 28.86 3.42 -3.25
CA HIS A 333 27.42 3.29 -3.47
C HIS A 333 26.75 4.61 -3.71
N PRO A 334 25.74 4.64 -4.60
CA PRO A 334 25.10 3.62 -5.43
C PRO A 334 25.78 3.25 -6.76
N ASP A 335 26.97 3.79 -7.01
CA ASP A 335 27.68 3.47 -8.23
C ASP A 335 28.51 2.20 -8.00
N TYR A 336 27.82 1.11 -7.64
CA TYR A 336 28.47 -0.14 -7.21
C TYR A 336 28.55 -1.07 -8.40
N LEU A 337 29.47 -0.73 -9.30
CA LEU A 337 29.62 -1.35 -10.61
C LEU A 337 30.99 -0.99 -11.18
N PRO A 338 31.50 -1.82 -12.12
CA PRO A 338 31.06 -3.17 -12.49
C PRO A 338 31.37 -4.20 -11.42
N ALA A 339 31.08 -5.47 -11.69
CA ALA A 339 31.53 -6.55 -10.82
C ALA A 339 33.06 -6.51 -10.80
N CYS A 340 33.67 -6.86 -9.67
CA CYS A 340 35.12 -6.59 -9.49
C CYS A 340 36.03 -7.29 -10.52
N ARG A 341 36.83 -6.51 -11.25
CA ARG A 341 37.71 -7.06 -12.27
C ARG A 341 38.73 -8.02 -11.67
N GLU A 342 39.49 -7.53 -10.69
CA GLU A 342 40.50 -8.36 -10.03
C GLU A 342 39.94 -9.53 -9.26
N ALA A 343 38.64 -9.73 -9.28
CA ALA A 343 38.05 -10.91 -8.63
C ALA A 343 37.64 -11.95 -9.66
N GLY A 344 37.64 -11.52 -10.93
CA GLY A 344 37.09 -12.30 -12.05
C GLY A 344 36.31 -11.50 -13.10
N GLY A 345 35.81 -10.33 -12.70
CA GLY A 345 35.00 -9.49 -13.60
C GLY A 345 33.61 -10.08 -13.73
N TRP A 346 32.86 -9.57 -14.71
CA TRP A 346 31.52 -10.11 -15.01
C TRP A 346 31.56 -11.63 -15.28
N LYS A 347 32.59 -12.06 -16.02
CA LYS A 347 32.79 -13.46 -16.38
C LYS A 347 32.91 -14.35 -15.15
N GLY A 348 33.84 -13.99 -14.27
CA GLY A 348 34.13 -14.78 -13.05
C GLY A 348 32.89 -14.91 -12.20
N MET A 349 32.14 -13.81 -12.16
CA MET A 349 30.89 -13.74 -11.42
C MET A 349 29.74 -14.52 -12.07
N LYS A 350 29.67 -14.46 -13.40
CA LYS A 350 28.67 -15.20 -14.17
C LYS A 350 28.89 -16.70 -14.05
N SER A 351 30.16 -17.06 -14.24
CA SER A 351 30.67 -18.42 -14.03
C SER A 351 30.34 -18.99 -12.65
N LEU A 352 30.47 -18.16 -11.62
CA LEU A 352 30.19 -18.57 -10.24
C LEU A 352 28.69 -18.77 -10.03
N ILE A 353 27.89 -17.90 -10.63
CA ILE A 353 26.46 -18.00 -10.50
C ILE A 353 25.97 -19.31 -11.12
N ASP A 354 26.22 -19.43 -12.43
CA ASP A 354 25.95 -20.65 -13.23
C ASP A 354 26.22 -21.93 -12.43
N ALA A 355 27.37 -21.94 -11.77
CA ALA A 355 27.80 -23.07 -10.97
C ALA A 355 26.91 -23.32 -9.74
N CYS A 356 26.43 -22.27 -9.09
CA CYS A 356 25.52 -22.44 -7.94
C CYS A 356 24.21 -23.06 -8.36
N HIS A 357 23.68 -22.55 -9.49
CA HIS A 357 22.43 -23.05 -10.05
C HIS A 357 22.62 -24.51 -10.39
N GLU A 358 23.65 -24.78 -11.20
CA GLU A 358 24.03 -26.14 -11.62
C GLU A 358 24.07 -27.21 -10.51
N GLN A 359 24.21 -26.82 -9.25
CA GLN A 359 24.04 -27.77 -8.10
C GLN A 359 22.80 -27.51 -7.22
N GLY A 360 21.82 -26.80 -7.80
CA GLY A 360 20.53 -26.54 -7.14
C GLY A 360 20.66 -25.62 -5.95
N ASP A 361 21.58 -24.67 -6.04
CA ASP A 361 21.75 -23.68 -4.98
C ASP A 361 21.40 -22.29 -5.53
N LEU A 362 20.97 -21.42 -4.62
CA LEU A 362 20.50 -20.06 -4.96
C LEU A 362 21.53 -18.98 -4.60
N PHE A 363 21.29 -17.75 -5.04
CA PHE A 363 22.30 -16.70 -4.97
C PHE A 363 21.71 -15.27 -4.89
N GLY A 364 22.22 -14.46 -3.96
CA GLY A 364 21.89 -13.02 -3.88
C GLY A 364 23.14 -12.13 -3.84
N THR A 365 23.08 -10.98 -4.52
CA THR A 365 24.04 -9.93 -4.27
C THR A 365 23.73 -9.16 -2.99
N HIS A 366 24.78 -8.59 -2.40
CA HIS A 366 24.69 -7.64 -1.31
C HIS A 366 24.84 -6.27 -1.92
N ASP A 367 23.78 -5.46 -1.84
CA ASP A 367 23.76 -4.12 -2.44
C ASP A 367 23.31 -3.05 -1.43
N GLN A 368 23.49 -1.79 -1.81
CA GLN A 368 23.25 -0.63 -0.92
C GLN A 368 22.69 0.56 -1.67
N TYR A 369 21.55 1.06 -1.20
CA TYR A 369 20.94 2.24 -1.81
C TYR A 369 20.63 3.44 -0.87
N ARG A 370 21.00 3.36 0.41
CA ARG A 370 20.90 4.54 1.28
C ARG A 370 22.26 5.19 1.44
N ASP A 371 23.23 4.46 1.95
CA ASP A 371 24.56 5.05 2.11
C ASP A 371 25.01 5.56 0.74
N TYR A 372 25.50 6.82 0.73
CA TYR A 372 25.84 7.59 -0.48
C TYR A 372 27.23 8.22 -0.39
N TYR A 373 28.24 7.53 -0.90
CA TYR A 373 29.62 7.94 -0.67
C TYR A 373 30.04 9.06 -1.60
N PHE A 374 30.79 10.00 -1.03
CA PHE A 374 31.35 11.12 -1.78
C PHE A 374 32.20 10.55 -2.88
N ALA A 375 32.87 9.45 -2.58
CA ALA A 375 33.73 8.79 -3.55
C ALA A 375 33.01 8.29 -4.79
N ALA A 376 31.69 8.09 -4.70
CA ALA A 376 30.94 7.52 -5.81
C ALA A 376 31.23 8.26 -7.09
N ARG A 377 31.08 7.54 -8.21
CA ARG A 377 31.47 8.07 -9.50
C ARG A 377 30.65 9.26 -9.91
N THR A 378 29.39 9.28 -9.50
CA THR A 378 28.49 10.35 -9.91
C THR A 378 27.94 11.03 -8.69
N PHE A 379 28.80 11.24 -7.70
CA PHE A 379 28.33 11.79 -6.45
C PHE A 379 27.93 13.21 -6.72
N ASP A 380 26.86 13.64 -6.09
CA ASP A 380 26.33 14.99 -6.26
C ASP A 380 25.41 15.31 -5.10
N PRO A 381 25.70 16.41 -4.39
CA PRO A 381 24.87 16.68 -3.22
C PRO A 381 23.42 16.94 -3.52
N ARG A 382 23.09 17.47 -4.69
CA ARG A 382 21.70 17.75 -5.06
C ARG A 382 20.80 16.49 -5.03
N ASN A 383 21.41 15.30 -5.03
CA ASN A 383 20.67 14.03 -4.78
C ASN A 383 20.55 13.59 -3.31
N ALA A 384 21.13 14.36 -2.40
CA ALA A 384 21.25 13.90 -1.05
C ALA A 384 20.14 14.44 -0.17
N ILE A 385 19.83 13.66 0.86
CA ILE A 385 18.98 14.10 1.94
C ILE A 385 19.43 15.46 2.43
N ARG A 386 18.45 16.32 2.66
CA ARG A 386 18.59 17.42 3.60
C ARG A 386 17.70 17.16 4.76
N LEU A 387 18.18 17.47 5.95
CA LEU A 387 17.39 17.36 7.16
C LEU A 387 16.40 18.51 7.25
N ALA A 388 15.47 18.40 8.20
CA ALA A 388 14.45 19.44 8.31
C ALA A 388 15.09 20.82 8.56
N ASP A 389 16.26 20.88 9.20
CA ASP A 389 16.98 22.15 9.29
C ASP A 389 17.74 22.55 8.03
N GLY A 390 17.52 21.87 6.90
CA GLY A 390 18.22 22.15 5.64
C GLY A 390 19.66 21.62 5.55
N THR A 391 20.23 21.10 6.64
CA THR A 391 21.61 20.60 6.61
C THR A 391 21.70 19.21 5.95
N MET A 392 22.89 18.87 5.41
CA MET A 392 23.12 17.57 4.76
C MET A 392 24.00 16.70 5.64
N PRO A 393 23.47 15.57 6.09
CA PRO A 393 24.21 14.76 7.06
C PRO A 393 25.43 14.11 6.45
N GLU A 394 26.42 13.87 7.29
CA GLU A 394 27.69 13.30 6.86
C GLU A 394 28.17 12.36 7.93
N HIS A 395 28.90 11.34 7.49
CA HIS A 395 29.81 10.65 8.38
C HIS A 395 30.82 9.84 7.56
N ALA A 396 31.71 9.15 8.26
CA ALA A 396 32.70 8.30 7.59
C ALA A 396 32.93 7.04 8.40
N MET A 397 31.83 6.45 8.85
CA MET A 397 31.88 5.32 9.72
C MET A 397 32.39 4.12 8.96
N TRP A 398 31.81 3.89 7.79
CA TRP A 398 31.99 2.63 7.08
C TRP A 398 33.22 2.58 6.17
N ALA A 399 33.40 1.44 5.51
CA ALA A 399 34.59 1.17 4.71
C ALA A 399 34.90 2.24 3.71
N GLY A 400 33.85 2.71 3.05
CA GLY A 400 34.03 3.60 1.90
C GLY A 400 34.30 5.03 2.27
N GLY A 401 34.26 5.29 3.58
CA GLY A 401 34.54 6.60 4.12
C GLY A 401 33.37 7.57 4.04
N ARG A 402 33.72 8.80 3.66
CA ARG A 402 32.86 9.98 3.76
C ARG A 402 31.58 9.79 2.97
N GLN A 403 30.45 9.88 3.65
CA GLN A 403 29.19 9.66 2.99
C GLN A 403 28.12 10.59 3.48
N THR A 404 27.05 10.69 2.70
CA THR A 404 25.76 11.16 3.19
C THR A 404 24.71 10.07 2.88
N TYR A 405 23.44 10.46 2.73
CA TYR A 405 22.36 9.49 2.50
C TYR A 405 21.54 9.86 1.30
N LEU A 406 21.36 8.92 0.40
CA LEU A 406 20.65 9.17 -0.83
C LEU A 406 19.16 9.37 -0.55
N CYS A 407 18.57 10.44 -1.07
CA CYS A 407 17.13 10.61 -0.86
C CYS A 407 16.42 9.40 -1.46
N ALA A 408 15.61 8.73 -0.68
CA ALA A 408 14.93 7.54 -1.14
C ALA A 408 14.02 7.83 -2.34
N GLU A 409 13.50 9.03 -2.44
CA GLU A 409 12.69 9.37 -3.62
C GLU A 409 13.40 8.97 -4.90
N LEU A 410 14.72 8.96 -4.84
CA LEU A 410 15.53 8.68 -5.99
C LEU A 410 16.10 7.28 -6.00
N ALA A 411 16.03 6.57 -4.86
CA ALA A 411 16.53 5.17 -4.79
C ALA A 411 16.02 4.31 -5.93
N PRO A 412 14.70 4.24 -6.12
CA PRO A 412 14.21 3.38 -7.19
C PRO A 412 14.84 3.66 -8.58
N ASP A 413 15.08 4.91 -8.88
CA ASP A 413 15.76 5.22 -10.11
C ASP A 413 17.06 4.39 -10.17
N TYR A 414 17.80 4.43 -9.07
CA TYR A 414 19.13 3.82 -9.02
C TYR A 414 19.07 2.31 -8.91
N VAL A 415 18.01 1.77 -8.34
CA VAL A 415 17.86 0.32 -8.32
C VAL A 415 17.67 -0.17 -9.74
N ARG A 416 16.68 0.40 -10.42
CA ARG A 416 16.41 0.11 -11.82
C ARG A 416 17.64 0.19 -12.69
N ARG A 417 18.49 1.18 -12.47
CA ARG A 417 19.66 1.37 -13.32
C ARG A 417 20.67 0.26 -13.10
N ASN A 418 21.00 0.01 -11.84
CA ASN A 418 22.02 -0.96 -11.51
C ASN A 418 21.62 -2.35 -11.93
N PHE A 419 20.49 -2.81 -11.43
CA PHE A 419 20.09 -4.20 -11.66
C PHE A 419 19.79 -4.49 -13.13
N SER A 420 19.41 -3.48 -13.88
CA SER A 420 19.20 -3.68 -15.29
C SER A 420 20.57 -4.01 -15.87
N GLU A 421 21.60 -3.28 -15.43
CA GLU A 421 22.95 -3.46 -15.94
C GLU A 421 23.46 -4.83 -15.60
N ILE A 422 23.24 -5.23 -14.37
CA ILE A 422 23.68 -6.54 -13.92
C ILE A 422 23.16 -7.59 -14.89
N ALA A 423 21.87 -7.54 -15.15
CA ALA A 423 21.19 -8.58 -15.94
C ALA A 423 21.49 -8.61 -17.47
N THR A 424 22.21 -7.61 -18.00
CA THR A 424 22.64 -7.62 -19.39
C THR A 424 23.98 -8.37 -19.62
N HIS A 425 24.66 -8.72 -18.54
CA HIS A 425 25.86 -9.53 -18.58
C HIS A 425 25.53 -10.96 -18.12
N GLY A 426 24.30 -11.39 -18.41
CA GLY A 426 23.87 -12.79 -18.24
C GLY A 426 23.80 -13.28 -16.81
N ILE A 427 23.75 -12.33 -15.88
CA ILE A 427 23.64 -12.63 -14.48
C ILE A 427 22.14 -12.79 -14.25
N VAL A 428 21.74 -13.80 -13.49
CA VAL A 428 20.33 -13.97 -13.17
C VAL A 428 20.15 -14.26 -11.69
N LEU A 429 19.93 -13.20 -10.92
CA LEU A 429 19.92 -13.32 -9.46
C LEU A 429 18.66 -14.02 -9.05
N ASP A 430 18.77 -14.91 -8.08
CA ASP A 430 17.57 -15.50 -7.51
C ASP A 430 17.02 -14.57 -6.42
N CYS A 431 17.92 -13.91 -5.72
CA CYS A 431 17.58 -12.98 -4.68
C CYS A 431 18.45 -11.74 -4.81
N ALA A 432 18.13 -10.75 -3.98
CA ALA A 432 19.02 -9.60 -3.76
C ALA A 432 18.86 -9.06 -2.34
N TYR A 433 19.91 -8.40 -1.87
CA TYR A 433 19.92 -7.82 -0.53
C TYR A 433 20.07 -6.34 -0.69
N LEU A 434 19.04 -5.64 -0.20
CA LEU A 434 19.05 -4.20 -0.10
C LEU A 434 19.30 -3.82 1.35
N ASP A 435 20.56 -3.50 1.60
CA ASP A 435 21.08 -3.25 2.92
C ASP A 435 20.32 -2.13 3.59
N VAL A 436 20.42 -2.13 4.91
CA VAL A 436 19.90 -1.12 5.82
C VAL A 436 18.39 -0.89 5.78
N PHE A 437 17.79 -0.77 4.61
CA PHE A 437 16.37 -0.38 4.51
C PHE A 437 15.47 -0.75 5.70
N THR A 438 15.46 -2.02 6.10
CA THR A 438 14.53 -2.48 7.13
C THR A 438 15.06 -2.42 8.55
N CYS A 439 16.30 -1.99 8.72
CA CYS A 439 16.87 -1.84 10.05
C CYS A 439 16.68 -0.41 10.55
N ASN A 440 17.18 0.52 9.75
CA ASN A 440 17.22 1.90 10.11
C ASN A 440 15.93 2.62 9.88
N GLU A 441 15.82 3.79 10.51
CA GLU A 441 14.64 4.61 10.39
C GLU A 441 14.59 5.10 8.96
N GLY A 442 13.39 5.43 8.52
CA GLY A 442 13.23 6.05 7.22
C GLY A 442 13.55 7.52 7.35
N ASP A 443 14.34 8.02 6.41
CA ASP A 443 14.76 9.41 6.41
C ASP A 443 13.63 10.36 6.10
N GLU A 444 13.82 11.62 6.42
CA GLU A 444 12.93 12.66 5.93
C GLU A 444 13.81 13.65 5.20
N CYS A 445 13.25 14.32 4.22
CA CYS A 445 14.02 15.13 3.31
C CYS A 445 13.32 16.43 3.02
N SER A 446 14.03 17.55 3.18
CA SER A 446 13.45 18.86 2.98
C SER A 446 13.92 19.50 1.69
N HIS A 447 14.74 18.80 0.91
CA HIS A 447 15.18 19.30 -0.38
C HIS A 447 13.94 19.44 -1.30
N PRO A 448 13.76 20.60 -1.94
CA PRO A 448 12.50 20.82 -2.68
C PRO A 448 12.36 19.97 -3.95
N GLU A 449 13.48 19.75 -4.62
CA GLU A 449 13.58 18.81 -5.71
C GLU A 449 13.20 17.36 -5.37
N HIS A 450 13.32 16.93 -4.11
CA HIS A 450 12.83 15.59 -3.70
C HIS A 450 12.42 15.49 -2.20
N ARG A 451 11.48 16.35 -1.83
CA ARG A 451 10.96 16.44 -0.46
C ARG A 451 10.33 15.12 -0.08
N MET A 452 10.58 14.64 1.13
CA MET A 452 10.09 13.29 1.50
C MET A 452 9.96 13.04 2.98
N THR A 453 8.76 12.61 3.39
CA THR A 453 8.46 12.32 4.78
C THR A 453 8.99 10.94 5.10
N ARG A 454 9.11 10.66 6.40
CA ARG A 454 9.52 9.33 6.81
C ARG A 454 8.55 8.33 6.27
N ARG A 455 7.27 8.69 6.25
CA ARG A 455 6.26 7.76 5.80
C ARG A 455 6.53 7.40 4.37
N GLU A 456 6.78 8.46 3.61
CA GLU A 456 7.04 8.38 2.19
C GLU A 456 8.27 7.54 1.97
N CYS A 457 9.28 7.73 2.82
CA CYS A 457 10.55 6.96 2.72
C CYS A 457 10.32 5.44 2.73
N TYR A 458 9.56 4.94 3.69
CA TYR A 458 9.30 3.51 3.68
C TYR A 458 8.59 3.12 2.36
N GLU A 459 7.72 3.97 1.84
CA GLU A 459 7.03 3.63 0.60
C GLU A 459 8.04 3.54 -0.54
N ARG A 460 9.08 4.37 -0.54
CA ARG A 460 10.07 4.29 -1.63
C ARG A 460 10.93 3.07 -1.50
N ARG A 461 11.36 2.77 -0.28
CA ARG A 461 12.12 1.57 -0.01
C ARG A 461 11.32 0.35 -0.47
N ALA A 462 10.01 0.36 -0.21
CA ALA A 462 9.17 -0.76 -0.64
C ALA A 462 9.05 -0.81 -2.16
N GLU A 463 9.06 0.35 -2.80
CA GLU A 463 9.08 0.42 -4.27
C GLU A 463 10.36 -0.18 -4.83
N CYS A 464 11.46 -0.01 -4.09
CA CYS A 464 12.72 -0.59 -4.49
C CYS A 464 12.54 -2.10 -4.54
N PHE A 465 12.08 -2.68 -3.43
CA PHE A 465 11.85 -4.13 -3.36
C PHE A 465 10.96 -4.57 -4.52
N GLU A 466 9.89 -3.83 -4.74
CA GLU A 466 8.89 -4.28 -5.69
C GLU A 466 9.43 -4.36 -7.10
N TYR A 467 10.36 -3.50 -7.47
CA TYR A 467 11.04 -3.65 -8.75
C TYR A 467 11.67 -5.04 -8.85
N LEU A 468 12.22 -5.53 -7.75
CA LEU A 468 12.85 -6.84 -7.72
C LEU A 468 11.81 -7.96 -7.79
N LEU A 469 10.77 -7.91 -6.98
CA LEU A 469 9.79 -8.97 -7.03
C LEU A 469 9.20 -9.06 -8.45
N ALA A 470 9.09 -7.92 -9.11
CA ALA A 470 8.53 -7.84 -10.44
C ALA A 470 9.42 -8.48 -11.52
N HIS A 471 10.71 -8.62 -11.24
CA HIS A 471 11.63 -9.32 -12.14
C HIS A 471 12.05 -10.63 -11.51
N GLY A 472 11.14 -11.26 -10.80
CA GLY A 472 11.41 -12.53 -10.15
C GLY A 472 12.71 -12.60 -9.42
N ILE A 473 13.08 -11.52 -8.72
CA ILE A 473 14.19 -11.59 -7.77
C ILE A 473 13.63 -11.35 -6.39
N LEU A 474 13.84 -12.32 -5.50
CA LEU A 474 13.29 -12.22 -4.17
C LEU A 474 14.07 -11.14 -3.40
N THR A 475 13.46 -10.68 -2.32
CA THR A 475 13.96 -9.50 -1.62
C THR A 475 14.42 -9.80 -0.21
N SER A 476 15.59 -9.26 0.11
CA SER A 476 16.13 -9.32 1.46
C SER A 476 16.59 -7.94 1.89
N SER A 477 16.48 -7.70 3.20
CA SER A 477 17.16 -6.57 3.82
C SER A 477 17.53 -6.89 5.27
N GLU A 478 18.29 -5.98 5.87
CA GLU A 478 19.05 -6.24 7.10
C GLU A 478 18.22 -6.92 8.16
N GLU A 479 17.13 -6.32 8.56
CA GLU A 479 16.26 -6.96 9.53
C GLU A 479 14.83 -6.87 9.00
N VAL A 480 13.84 -6.73 9.86
CA VAL A 480 12.48 -7.00 9.42
C VAL A 480 11.41 -6.04 9.89
N SER A 481 11.78 -4.77 10.09
CA SER A 481 10.82 -3.76 10.60
C SER A 481 9.51 -3.87 9.84
N ASP A 482 8.39 -3.90 10.55
CA ASP A 482 7.18 -4.51 10.00
C ASP A 482 6.54 -3.79 8.80
N TRP A 483 6.83 -2.50 8.61
CA TRP A 483 6.44 -1.82 7.38
C TRP A 483 6.75 -2.62 6.14
N ALA A 484 7.90 -3.27 6.13
CA ALA A 484 8.36 -3.94 4.92
C ALA A 484 7.62 -5.22 4.58
N VAL A 485 6.77 -5.72 5.48
CA VAL A 485 6.18 -7.05 5.25
C VAL A 485 5.54 -7.25 3.85
N PRO A 486 4.58 -6.40 3.44
CA PRO A 486 4.00 -6.50 2.12
C PRO A 486 4.97 -6.72 0.96
N SER A 487 6.21 -6.27 1.08
CA SER A 487 7.16 -6.41 -0.03
C SER A 487 8.45 -7.21 0.27
N LEU A 488 8.57 -7.79 1.47
CA LEU A 488 9.83 -8.40 1.91
C LEU A 488 9.71 -9.88 2.09
N VAL A 489 10.56 -10.61 1.37
CA VAL A 489 10.47 -12.07 1.32
C VAL A 489 11.23 -12.66 2.48
N PHE A 490 12.51 -12.34 2.53
CA PHE A 490 13.35 -12.82 3.62
C PHE A 490 14.37 -11.77 4.07
N CYS A 491 15.16 -12.10 5.10
CA CYS A 491 16.17 -11.18 5.66
C CYS A 491 17.58 -11.78 5.88
N HIS A 492 18.48 -10.93 6.39
CA HIS A 492 19.81 -11.37 6.87
C HIS A 492 19.68 -11.95 8.28
N TYR A 493 18.70 -11.47 9.04
CA TYR A 493 18.26 -12.16 10.26
C TYR A 493 17.13 -11.41 10.96
N ALA A 494 16.52 -12.04 11.94
CA ALA A 494 15.52 -11.39 12.78
C ALA A 494 15.87 -11.67 14.24
N PRO A 495 17.10 -11.31 14.64
CA PRO A 495 17.57 -11.78 15.92
C PRO A 495 16.81 -11.21 17.12
N TYR A 496 17.06 -11.81 18.27
CA TYR A 496 16.70 -11.23 19.55
C TYR A 496 17.76 -10.21 19.87
N ASP A 497 17.45 -9.23 20.70
CA ASP A 497 18.47 -8.26 21.15
C ASP A 497 19.80 -8.87 21.69
N PHE A 498 19.71 -9.85 22.59
CA PHE A 498 20.91 -10.44 23.23
C PHE A 498 21.88 -11.13 22.25
N GLN A 499 21.42 -11.43 21.04
CA GLN A 499 22.32 -11.93 20.00
C GLN A 499 23.20 -10.83 19.41
N MET A 500 22.75 -9.58 19.52
CA MET A 500 23.48 -8.42 19.01
C MET A 500 24.29 -7.75 20.12
N ARG A 501 24.49 -8.47 21.22
CA ARG A 501 25.33 -8.01 22.32
C ARG A 501 26.37 -9.09 22.63
N SER A 502 27.37 -8.72 23.42
CA SER A 502 28.28 -9.70 23.95
C SER A 502 27.41 -10.67 24.77
N PRO A 503 27.74 -11.98 24.75
CA PRO A 503 27.05 -12.91 25.65
C PRO A 503 27.27 -12.58 27.13
N ASP A 504 28.40 -11.96 27.42
CA ASP A 504 28.70 -11.48 28.78
C ASP A 504 27.81 -10.33 29.25
N ALA A 505 27.19 -9.62 28.31
CA ALA A 505 26.39 -8.45 28.65
C ALA A 505 25.05 -8.89 29.18
N PRO A 506 24.64 -8.41 30.37
CA PRO A 506 23.36 -8.90 30.89
C PRO A 506 22.21 -8.66 29.90
N ARG A 507 21.16 -9.47 29.97
CA ARG A 507 20.06 -9.31 29.04
C ARG A 507 19.02 -8.43 29.62
N HIS A 508 18.09 -7.98 28.79
CA HIS A 508 17.03 -7.08 29.29
C HIS A 508 15.77 -7.85 29.64
N GLY A 509 15.79 -9.15 29.36
CA GLY A 509 14.60 -9.97 29.59
C GLY A 509 14.55 -11.28 28.84
N ILE A 510 13.46 -11.98 29.08
CA ILE A 510 13.24 -13.29 28.53
C ILE A 510 13.02 -13.15 27.04
N PRO A 511 13.74 -13.96 26.24
CA PRO A 511 13.58 -13.95 24.80
C PRO A 511 12.39 -14.76 24.31
N VAL A 512 11.30 -14.04 24.00
CA VAL A 512 10.10 -14.61 23.40
C VAL A 512 9.89 -14.06 21.97
N PRO A 513 9.55 -14.94 21.02
CA PRO A 513 9.49 -14.54 19.64
C PRO A 513 8.17 -13.84 19.31
N LEU A 514 8.08 -12.58 19.73
CA LEU A 514 6.93 -11.75 19.41
C LEU A 514 6.75 -11.53 17.89
N TYR A 515 7.85 -11.32 17.16
CA TYR A 515 7.72 -11.04 15.74
C TYR A 515 7.19 -12.21 14.94
N ASN A 516 7.60 -13.42 15.28
CA ASN A 516 7.26 -14.59 14.49
C ASN A 516 5.87 -15.12 14.84
N LEU A 517 5.53 -15.01 16.12
CA LEU A 517 4.14 -15.10 16.54
C LEU A 517 3.21 -14.34 15.59
N VAL A 518 3.63 -13.15 15.18
CA VAL A 518 2.84 -12.32 14.28
C VAL A 518 3.13 -12.64 12.82
N TYR A 519 4.39 -12.82 12.46
CA TYR A 519 4.75 -12.77 11.04
C TYR A 519 5.51 -13.97 10.48
N HIS A 520 5.61 -15.07 11.23
CA HIS A 520 6.41 -16.18 10.71
C HIS A 520 5.93 -16.73 9.37
N ASP A 521 4.63 -16.62 9.09
CA ASP A 521 4.10 -17.01 7.77
C ASP A 521 4.19 -15.91 6.70
N CYS A 522 4.95 -14.87 7.00
CA CYS A 522 5.09 -13.75 6.08
C CYS A 522 6.53 -13.44 5.72
N VAL A 523 7.47 -13.78 6.61
CA VAL A 523 8.90 -13.55 6.34
C VAL A 523 9.83 -14.69 6.80
N ILE A 524 10.69 -15.12 5.89
CA ILE A 524 11.66 -16.16 6.18
C ILE A 524 12.91 -15.51 6.74
N GLN A 525 13.45 -16.08 7.82
CA GLN A 525 14.58 -15.52 8.52
C GLN A 525 15.64 -16.57 8.76
N PRO A 526 16.91 -16.33 8.35
CA PRO A 526 17.98 -17.16 8.88
C PRO A 526 18.37 -16.80 10.32
N TRP A 527 19.09 -17.69 10.98
CA TRP A 527 19.41 -17.53 12.39
C TRP A 527 20.83 -17.90 12.76
N MET A 528 21.34 -17.24 13.79
CA MET A 528 22.70 -17.48 14.24
C MET A 528 22.80 -18.91 14.73
N MET A 529 23.96 -19.52 14.51
CA MET A 529 24.22 -20.90 14.95
C MET A 529 25.33 -21.01 15.99
N ASP A 530 25.78 -19.87 16.52
CA ASP A 530 26.96 -19.85 17.35
C ASP A 530 26.61 -20.46 18.70
N ARG A 531 27.53 -21.25 19.26
CA ARG A 531 27.36 -21.73 20.63
C ARG A 531 28.11 -20.83 21.58
N VAL A 532 27.48 -20.48 22.69
CA VAL A 532 28.12 -19.67 23.72
C VAL A 532 28.73 -20.62 24.75
N ALA A 533 30.02 -20.44 25.02
CA ALA A 533 30.74 -21.22 26.02
C ALA A 533 30.41 -20.75 27.43
N GLY A 534 29.82 -21.63 28.22
CA GLY A 534 29.30 -21.27 29.53
C GLY A 534 27.87 -20.84 29.39
N GLY A 535 27.30 -21.04 28.19
CA GLY A 535 25.95 -20.58 27.88
C GLY A 535 25.21 -21.30 26.76
N ASP A 536 24.34 -20.54 26.11
CA ASP A 536 23.37 -21.06 25.16
C ASP A 536 23.94 -21.53 23.83
N ASP A 537 23.21 -22.46 23.23
CA ASP A 537 23.43 -22.81 21.84
C ASP A 537 22.38 -22.02 21.07
N TYR A 538 22.83 -21.12 20.21
CA TYR A 538 21.90 -20.25 19.46
C TYR A 538 21.09 -20.98 18.39
N MET A 539 21.54 -22.18 18.01
CA MET A 539 20.72 -23.11 17.24
C MET A 539 19.37 -23.33 17.93
N LEU A 540 19.38 -23.54 19.25
CA LEU A 540 18.12 -23.73 20.00
C LEU A 540 17.03 -22.70 19.67
N TYR A 541 17.42 -21.43 19.64
CA TYR A 541 16.50 -20.35 19.28
C TYR A 541 16.01 -20.45 17.83
N ALA A 542 16.87 -20.88 16.92
CA ALA A 542 16.48 -21.14 15.52
C ALA A 542 15.24 -22.06 15.44
N LEU A 543 15.20 -23.04 16.32
CA LEU A 543 14.15 -24.03 16.30
C LEU A 543 12.82 -23.40 16.73
N LEU A 544 12.75 -22.89 17.96
CA LEU A 544 11.56 -22.16 18.39
C LEU A 544 10.97 -21.32 17.24
N ASN A 545 11.83 -20.61 16.51
CA ASN A 545 11.45 -19.62 15.48
C ASN A 545 11.29 -20.21 14.07
N GLY A 546 11.40 -21.52 13.96
CA GLY A 546 11.11 -22.25 12.73
C GLY A 546 11.90 -21.81 11.54
N GLY A 547 13.03 -21.16 11.78
CA GLY A 547 13.80 -20.52 10.72
C GLY A 547 14.78 -21.47 10.04
N ALA A 548 15.47 -20.96 9.04
CA ALA A 548 16.58 -21.67 8.42
C ALA A 548 17.87 -21.30 9.15
N PRO A 549 18.98 -22.01 8.86
CA PRO A 549 20.22 -21.78 9.59
C PRO A 549 21.34 -21.11 8.78
N TYR A 550 22.13 -20.32 9.50
CA TYR A 550 23.41 -19.87 8.99
C TYR A 550 24.35 -21.05 9.02
N LEU A 551 24.90 -21.42 7.88
CA LEU A 551 26.03 -22.32 7.91
C LEU A 551 27.24 -21.42 8.12
N ILE A 552 27.58 -20.65 7.07
CA ILE A 552 28.69 -19.72 7.10
C ILE A 552 28.20 -18.27 7.24
N ARG A 553 28.77 -17.57 8.20
CA ARG A 553 28.31 -16.24 8.51
C ARG A 553 29.53 -15.37 8.79
N ASP A 554 30.27 -15.05 7.73
CA ASP A 554 31.38 -14.15 7.83
C ASP A 554 30.91 -12.74 8.13
N ALA A 555 31.47 -12.16 9.18
CA ALA A 555 31.33 -10.73 9.42
C ALA A 555 31.96 -9.95 8.27
N ALA A 556 31.48 -8.73 8.06
CA ALA A 556 32.09 -7.73 7.17
C ALA A 556 33.10 -6.83 7.89
N TYR A 557 32.84 -6.59 9.17
CA TYR A 557 33.73 -5.83 10.03
C TYR A 557 33.80 -6.66 11.32
N ALA A 558 34.97 -6.72 11.95
CA ALA A 558 35.13 -7.40 13.24
C ALA A 558 34.35 -6.63 14.28
N GLY A 559 33.43 -7.31 14.94
CA GLY A 559 32.64 -6.67 15.99
C GLY A 559 31.21 -6.40 15.57
N MET A 560 31.01 -6.28 14.26
CA MET A 560 29.72 -5.85 13.68
C MET A 560 28.82 -6.98 13.19
N ASP A 561 27.52 -6.76 13.36
CA ASP A 561 26.47 -7.63 12.82
C ASP A 561 26.43 -8.96 13.58
N GLY A 562 26.43 -8.82 14.91
CA GLY A 562 26.38 -9.95 15.84
C GLY A 562 27.57 -10.89 15.78
N ASP A 563 28.76 -10.32 15.54
CA ASP A 563 30.02 -11.07 15.48
C ASP A 563 30.47 -11.34 16.92
N MET A 564 30.19 -12.56 17.39
CA MET A 564 30.57 -12.96 18.74
C MET A 564 32.09 -13.05 18.96
N ASN A 565 32.48 -12.64 20.17
CA ASN A 565 33.88 -12.47 20.58
C ASN A 565 34.79 -13.65 20.20
N ALA A 566 34.63 -14.76 20.92
CA ALA A 566 35.60 -15.86 21.01
C ALA A 566 35.43 -16.56 22.37
N ALA A 567 34.95 -15.82 23.38
CA ALA A 567 34.24 -16.39 24.53
C ALA A 567 32.95 -17.04 23.97
N LEU A 568 33.18 -17.96 23.04
CA LEU A 568 32.19 -18.46 22.08
C LEU A 568 31.99 -19.96 22.33
N ARG A 569 32.77 -20.80 21.64
CA ARG A 569 32.64 -22.27 21.66
C ARG A 569 32.56 -22.80 20.22
N THR A 572 32.44 -25.18 18.14
CA THR A 572 31.42 -26.00 17.49
C THR A 572 32.00 -26.69 16.23
N GLU A 573 31.95 -28.03 16.24
CA GLU A 573 32.18 -28.87 15.05
C GLU A 573 30.76 -29.29 14.55
N ASN A 574 30.67 -30.37 13.76
CA ASN A 574 29.39 -31.00 13.39
C ASN A 574 28.39 -30.03 12.72
N ASP A 575 28.92 -29.17 11.85
CA ASP A 575 28.10 -28.04 11.39
C ASP A 575 27.01 -28.51 10.45
N ILE A 576 27.40 -29.07 9.30
CA ILE A 576 26.41 -29.45 8.30
C ILE A 576 25.27 -30.25 8.92
N GLU A 577 25.63 -31.20 9.77
CA GLU A 577 24.66 -31.96 10.56
C GLU A 577 23.70 -30.98 11.25
N ARG A 578 24.26 -30.08 12.05
CA ARG A 578 23.45 -29.12 12.81
C ARG A 578 22.50 -28.33 11.92
N CYS A 579 23.01 -27.93 10.75
CA CYS A 579 22.23 -27.18 9.74
C CYS A 579 21.10 -28.02 9.20
N ALA A 580 21.48 -29.20 8.69
CA ALA A 580 20.53 -30.17 8.17
C ALA A 580 19.37 -30.47 9.14
N VAL A 581 19.61 -30.49 10.45
CA VAL A 581 18.52 -30.73 11.42
C VAL A 581 17.53 -29.56 11.33
N VAL A 582 18.01 -28.35 11.61
CA VAL A 582 17.16 -27.15 11.65
C VAL A 582 16.46 -26.91 10.31
N ALA A 583 17.21 -27.09 9.22
CA ALA A 583 16.70 -26.89 7.87
C ALA A 583 15.50 -27.78 7.50
N GLY A 584 15.58 -29.08 7.79
CA GLY A 584 14.46 -30.00 7.58
C GLY A 584 13.21 -29.62 8.35
N LEU A 585 13.38 -28.94 9.47
CA LEU A 585 12.25 -28.30 10.17
C LEU A 585 11.74 -27.12 9.33
N HIS A 586 12.67 -26.34 8.82
CA HIS A 586 12.34 -25.24 7.94
C HIS A 586 11.66 -25.73 6.67
N ARG A 587 12.13 -26.86 6.14
CA ARG A 587 11.53 -27.44 4.94
C ARG A 587 10.08 -27.83 5.21
N ARG A 588 9.78 -28.16 6.47
CA ARG A 588 8.42 -28.47 6.87
C ARG A 588 7.57 -27.20 7.09
N VAL A 589 7.76 -26.54 8.23
CA VAL A 589 6.83 -25.52 8.73
C VAL A 589 7.21 -24.08 8.38
N GLY A 590 8.11 -23.92 7.40
CA GLY A 590 8.59 -22.60 7.01
C GLY A 590 7.55 -21.59 6.53
N MET A 591 6.43 -22.06 6.02
CA MET A 591 5.39 -21.18 5.46
C MET A 591 4.13 -21.17 6.28
N GLN A 592 4.19 -21.72 7.48
CA GLN A 592 3.00 -21.87 8.31
C GLN A 592 2.95 -20.76 9.34
N GLU A 593 1.79 -20.57 9.96
CA GLU A 593 1.65 -19.69 11.10
C GLU A 593 2.51 -20.28 12.21
N LEU A 594 2.84 -19.48 13.23
CA LEU A 594 3.35 -20.01 14.52
C LEU A 594 2.31 -19.70 15.58
N VAL A 595 1.50 -20.69 15.89
CA VAL A 595 0.28 -20.48 16.68
C VAL A 595 0.55 -20.13 18.13
N ARG A 596 1.51 -20.83 18.72
CA ARG A 596 1.73 -20.72 20.15
C ARG A 596 3.20 -20.66 20.51
N HIS A 597 3.52 -19.85 21.51
CA HIS A 597 4.77 -19.98 22.24
C HIS A 597 4.43 -19.96 23.72
N ASP A 598 5.01 -20.89 24.47
CA ASP A 598 4.74 -21.03 25.89
C ASP A 598 6.01 -21.24 26.71
N LEU A 599 6.07 -20.56 27.86
CA LEU A 599 7.07 -20.82 28.88
C LEU A 599 6.61 -21.98 29.77
N VAL A 600 7.20 -23.16 29.55
CA VAL A 600 6.72 -24.42 30.14
C VAL A 600 6.68 -24.34 31.67
N GLY A 601 5.48 -24.51 32.23
CA GLY A 601 5.24 -24.39 33.67
C GLY A 601 5.48 -23.01 34.27
N GLY A 602 5.65 -22.00 33.42
CA GLY A 602 6.16 -20.71 33.86
C GLY A 602 7.63 -20.74 34.26
N ASP A 603 8.39 -21.64 33.63
CA ASP A 603 9.85 -21.68 33.77
C ASP A 603 10.49 -21.07 32.51
N PRO A 604 10.94 -19.81 32.62
CA PRO A 604 11.63 -19.05 31.58
C PRO A 604 12.58 -19.81 30.67
N LEU A 605 13.42 -20.66 31.26
CA LEU A 605 14.48 -21.38 30.51
C LEU A 605 13.99 -22.64 29.78
N VAL A 606 12.70 -22.94 29.88
CA VAL A 606 12.09 -23.99 29.07
C VAL A 606 10.86 -23.43 28.34
N GLN A 607 10.82 -23.67 27.04
CA GLN A 607 9.87 -22.99 26.15
C GLN A 607 9.37 -23.90 25.04
N ARG A 608 8.12 -23.71 24.62
CA ARG A 608 7.58 -24.42 23.45
C ARG A 608 6.92 -23.50 22.43
N SER A 609 7.20 -23.78 21.16
CA SER A 609 6.62 -23.07 20.01
C SER A 609 5.82 -24.07 19.20
N VAL A 610 4.51 -23.89 19.16
CA VAL A 610 3.62 -24.80 18.41
C VAL A 610 3.20 -24.12 17.13
N PHE A 611 3.18 -24.88 16.05
CA PHE A 611 2.90 -24.35 14.71
C PHE A 611 1.51 -24.73 14.21
N ALA A 612 1.26 -24.56 12.91
CA ALA A 612 -0.07 -24.74 12.33
C ALA A 612 -0.39 -26.21 12.15
N ASP A 613 0.62 -27.00 11.78
CA ASP A 613 0.44 -28.43 11.54
C ASP A 613 0.50 -29.25 12.83
N GLY A 614 0.34 -28.59 13.97
CA GLY A 614 0.50 -29.23 15.26
C GLY A 614 1.94 -29.33 15.77
N THR A 615 2.94 -29.40 14.86
CA THR A 615 4.38 -29.60 15.25
C THR A 615 4.85 -28.64 16.38
N ALA A 616 5.30 -29.21 17.50
CA ALA A 616 5.73 -28.43 18.69
C ALA A 616 7.24 -28.45 18.81
N VAL A 617 7.81 -27.38 19.36
CA VAL A 617 9.27 -27.33 19.62
C VAL A 617 9.59 -27.00 21.08
N THR A 618 9.98 -28.04 21.82
CA THR A 618 10.35 -27.86 23.20
C THR A 618 11.87 -27.72 23.23
N CYS A 619 12.32 -26.65 23.89
CA CYS A 619 13.73 -26.39 24.14
C CYS A 619 13.98 -26.10 25.62
N ASP A 620 14.97 -26.82 26.17
CA ASP A 620 15.34 -26.77 27.58
C ASP A 620 16.72 -26.15 27.65
N PHE A 621 16.83 -25.02 28.37
CA PHE A 621 18.07 -24.24 28.44
C PHE A 621 18.96 -24.54 29.66
N HIS A 622 18.46 -25.40 30.55
CA HIS A 622 19.28 -26.02 31.59
C HIS A 622 20.08 -27.14 30.91
N ALA A 623 19.37 -28.08 30.34
CA ALA A 623 19.98 -29.24 29.69
C ALA A 623 20.61 -28.93 28.33
N GLN A 624 20.33 -27.76 27.78
CA GLN A 624 20.78 -27.40 26.41
C GLN A 624 20.25 -28.40 25.40
N THR A 625 18.99 -28.79 25.57
CA THR A 625 18.40 -29.89 24.80
C THR A 625 17.16 -29.45 24.03
N TYR A 626 16.83 -30.24 23.02
CA TYR A 626 15.82 -29.86 22.03
C TYR A 626 15.06 -31.03 21.46
N GLU A 627 13.81 -30.77 21.10
CA GLU A 627 12.85 -31.82 20.79
C GLU A 627 11.87 -31.31 19.75
N VAL A 628 11.77 -32.03 18.65
CA VAL A 628 10.84 -31.71 17.57
C VAL A 628 9.85 -32.85 17.32
N ALA A 629 8.61 -32.65 17.76
CA ALA A 629 7.59 -33.71 17.75
C ALA A 629 6.75 -33.76 16.45
N ALA A 630 5.44 -33.51 16.59
CA ALA A 630 4.40 -33.79 15.59
C ALA A 630 3.03 -33.80 16.30
N ASN A 631 3.03 -34.16 17.58
CA ASN A 631 1.83 -34.10 18.42
C ASN A 631 1.38 -32.65 18.63
N GLY A 632 2.13 -31.90 19.44
CA GLY A 632 1.75 -30.55 19.80
C GLY A 632 1.57 -30.35 21.30
N MET B 1 16.95 24.93 -28.81
CA MET B 1 18.19 25.64 -28.33
C MET B 1 19.00 24.90 -27.23
N MET B 2 18.41 23.87 -26.61
CA MET B 2 19.11 22.93 -25.73
C MET B 2 18.68 21.52 -26.14
N GLN B 3 19.62 20.58 -26.25
CA GLN B 3 19.25 19.17 -26.52
C GLN B 3 20.01 18.08 -25.74
N PHE B 4 19.40 16.91 -25.68
CA PHE B 4 19.90 15.80 -24.90
C PHE B 4 19.63 14.49 -25.61
N THR B 5 20.69 13.68 -25.76
CA THR B 5 20.62 12.35 -26.35
C THR B 5 21.06 11.33 -25.31
N MET B 6 20.29 10.25 -25.15
CA MET B 6 20.66 9.17 -24.22
C MET B 6 19.87 7.89 -24.49
N SER B 7 20.52 6.74 -24.31
CA SER B 7 19.86 5.43 -24.39
C SER B 7 18.84 5.29 -25.56
N GLY B 8 19.13 6.00 -26.65
CA GLY B 8 18.27 5.97 -27.84
C GLY B 8 17.29 7.13 -27.99
N THR B 9 16.98 7.79 -26.89
CA THR B 9 15.94 8.80 -26.90
C THR B 9 16.57 10.16 -27.12
N MET B 10 15.93 11.01 -27.89
CA MET B 10 16.48 12.35 -28.14
C MET B 10 15.51 13.47 -27.73
N LEU B 11 16.02 14.37 -26.90
CA LEU B 11 15.22 15.39 -26.23
C LEU B 11 15.68 16.83 -26.53
N ARG B 12 14.75 17.62 -27.06
CA ARG B 12 15.02 18.95 -27.60
C ARG B 12 14.07 19.96 -26.96
N PHE B 13 14.62 20.94 -26.24
CA PHE B 13 13.80 21.85 -25.45
C PHE B 13 14.18 23.29 -25.78
N ASP B 14 13.15 24.09 -26.05
CA ASP B 14 13.35 25.47 -26.48
C ASP B 14 13.29 26.45 -25.33
N GLU B 15 14.37 27.21 -25.21
CA GLU B 15 14.61 28.08 -24.07
C GLU B 15 13.61 29.25 -23.96
N THR B 16 12.70 29.37 -24.93
CA THR B 16 11.79 30.53 -25.01
C THR B 16 10.33 30.14 -25.27
N THR B 17 10.09 29.38 -26.33
CA THR B 17 8.74 28.82 -26.57
C THR B 17 8.35 27.73 -25.54
N LEU B 18 9.32 27.25 -24.75
CA LEU B 18 9.12 26.13 -23.83
C LEU B 18 8.55 24.94 -24.56
N ARG B 19 8.96 24.78 -25.81
CA ARG B 19 8.54 23.65 -26.59
C ARG B 19 9.57 22.57 -26.36
N PHE B 20 9.06 21.37 -26.08
CA PHE B 20 9.93 20.22 -26.05
C PHE B 20 9.42 19.20 -27.04
N SER B 21 10.38 18.51 -27.64
CA SER B 21 10.13 17.50 -28.64
C SER B 21 10.93 16.29 -28.25
N PHE B 22 10.42 15.11 -28.51
CA PHE B 22 11.24 13.94 -28.30
C PHE B 22 11.06 12.80 -29.28
N SER B 23 12.11 11.97 -29.35
CA SER B 23 12.35 11.10 -30.49
C SER B 23 13.02 9.80 -30.11
N ARG B 24 12.72 8.74 -30.85
CA ARG B 24 13.20 7.41 -30.53
C ARG B 24 12.68 6.35 -31.53
N ASP B 25 13.61 5.53 -32.04
CA ASP B 25 13.37 4.63 -33.16
C ASP B 25 13.03 5.48 -34.41
N GLY B 26 13.76 6.59 -34.57
CA GLY B 26 13.61 7.50 -35.70
C GLY B 26 12.39 8.41 -35.68
N ALA B 27 11.37 8.04 -34.89
CA ALA B 27 10.11 8.81 -34.78
C ALA B 27 10.27 10.06 -33.90
N THR B 28 9.53 11.12 -34.25
CA THR B 28 9.52 12.38 -33.46
C THR B 28 8.10 12.88 -33.20
N TRP B 29 7.81 13.17 -31.92
CA TRP B 29 6.57 13.83 -31.51
C TRP B 29 6.91 15.19 -30.93
N SER B 30 6.04 16.16 -31.14
CA SER B 30 6.31 17.55 -30.73
C SER B 30 5.11 18.15 -30.00
N GLY B 31 5.39 18.95 -28.97
CA GLY B 31 4.33 19.69 -28.29
C GLY B 31 3.59 20.47 -29.36
N CYS B 32 2.28 20.64 -29.20
CA CYS B 32 1.50 21.43 -30.13
C CYS B 32 1.93 22.89 -30.25
N ASP B 33 1.61 23.47 -31.41
CA ASP B 33 2.22 24.73 -31.82
C ASP B 33 1.68 25.92 -31.03
N GLY B 34 0.38 26.15 -31.13
CA GLY B 34 -0.26 27.27 -30.42
C GLY B 34 -0.16 27.12 -28.92
N ILE B 35 -0.43 25.89 -28.48
CA ILE B 35 -0.64 25.55 -27.06
C ILE B 35 0.61 25.73 -26.18
N GLU B 36 0.39 26.38 -25.04
CA GLU B 36 1.42 26.68 -24.05
C GLU B 36 1.14 25.91 -22.75
N PRO B 37 2.17 25.75 -21.90
CA PRO B 37 1.91 25.17 -20.60
C PRO B 37 1.22 26.21 -19.72
N GLN B 38 0.03 25.88 -19.25
CA GLN B 38 -0.85 26.87 -18.64
C GLN B 38 -0.90 26.78 -17.10
N LEU B 39 -0.92 27.95 -16.49
CA LEU B 39 -1.04 28.14 -15.05
C LEU B 39 -2.33 28.93 -14.77
N THR B 40 -3.33 28.30 -14.17
CA THR B 40 -4.62 28.96 -13.93
C THR B 40 -4.91 29.26 -12.45
N ARG B 41 -5.05 30.55 -12.16
CA ARG B 41 -5.77 31.04 -10.98
C ARG B 41 -7.05 31.60 -11.57
N GLU B 42 -8.19 31.44 -10.87
CA GLU B 42 -9.45 31.95 -11.43
C GLU B 42 -9.47 33.48 -11.42
N ASP B 43 -8.44 34.05 -10.79
CA ASP B 43 -7.97 35.42 -11.09
C ASP B 43 -7.72 35.58 -12.62
N ARG B 44 -6.48 35.61 -13.09
CA ARG B 44 -6.23 35.72 -14.54
C ARG B 44 -6.22 34.35 -15.25
N SER B 45 -5.04 33.74 -15.32
CA SER B 45 -4.68 32.61 -16.21
C SER B 45 -3.41 33.02 -16.96
N PHE B 46 -2.29 32.33 -16.67
CA PHE B 46 -0.97 32.72 -17.16
C PHE B 46 -0.28 31.59 -17.92
N SER B 47 0.70 31.99 -18.72
CA SER B 47 1.63 31.05 -19.31
C SER B 47 2.85 31.13 -18.44
N PHE B 48 3.51 29.98 -18.29
CA PHE B 48 4.74 29.85 -17.50
C PHE B 48 5.62 30.98 -18.00
N ALA B 49 5.89 30.97 -19.30
CA ALA B 49 6.66 32.02 -19.98
C ALA B 49 6.40 33.42 -19.40
N GLY B 50 5.13 33.74 -19.13
CA GLY B 50 4.76 35.04 -18.59
C GLY B 50 5.13 35.24 -17.13
N ALA B 51 6.44 35.20 -16.83
CA ALA B 51 6.93 35.22 -15.45
C ALA B 51 8.19 36.05 -15.26
N ALA B 52 8.25 36.74 -14.13
CA ALA B 52 9.22 37.83 -13.94
C ALA B 52 10.62 37.36 -14.28
N THR B 53 10.98 36.21 -13.75
CA THR B 53 12.30 35.61 -13.92
C THR B 53 12.16 34.19 -14.42
N VAL B 54 13.07 33.77 -15.30
CA VAL B 54 13.24 32.35 -15.68
C VAL B 54 14.69 32.03 -15.95
N THR B 55 15.22 30.99 -15.30
CA THR B 55 16.48 30.37 -15.72
C THR B 55 16.28 28.91 -16.14
N HIS B 56 17.23 28.45 -16.93
CA HIS B 56 17.35 27.03 -17.25
C HIS B 56 18.71 26.53 -16.83
N GLU B 57 18.85 25.21 -16.87
CA GLU B 57 20.05 24.55 -16.42
C GLU B 57 20.12 23.15 -16.99
N ARG B 58 21.18 22.84 -17.73
CA ARG B 58 21.46 21.46 -18.13
C ARG B 58 21.79 20.72 -16.86
N ILE B 59 21.23 19.53 -16.72
CA ILE B 59 21.60 18.65 -15.64
C ILE B 59 22.11 17.33 -16.23
N GLU B 60 23.22 16.87 -15.69
CA GLU B 60 23.67 15.50 -15.84
C GLU B 60 23.60 14.89 -14.46
N THR B 61 22.99 13.72 -14.33
CA THR B 61 23.01 13.01 -13.05
C THR B 61 23.41 11.56 -13.24
N GLY B 62 23.43 10.81 -12.14
CA GLY B 62 23.74 9.39 -12.15
C GLY B 62 22.68 8.58 -12.86
N THR B 63 21.50 9.18 -13.03
CA THR B 63 20.34 8.44 -13.57
C THR B 63 19.75 8.95 -14.88
N GLY B 64 20.17 10.15 -15.29
CA GLY B 64 19.63 10.74 -16.49
C GLY B 64 20.13 12.13 -16.79
N VAL B 65 19.69 12.66 -17.95
CA VAL B 65 20.09 14.00 -18.38
C VAL B 65 18.89 14.79 -18.88
N GLY B 66 19.00 16.11 -18.72
CA GLY B 66 17.90 17.00 -19.03
C GLY B 66 18.09 18.42 -18.52
N VAL B 67 16.96 19.14 -18.42
CA VAL B 67 16.94 20.56 -18.11
C VAL B 67 15.99 20.90 -16.94
N ARG B 68 16.44 21.84 -16.10
CA ARG B 68 15.70 22.30 -14.90
C ARG B 68 15.44 23.78 -15.04
N SER B 69 14.17 24.10 -15.26
CA SER B 69 13.75 25.49 -15.49
C SER B 69 13.06 26.04 -14.26
N VAL B 70 13.46 27.25 -13.85
CA VAL B 70 12.83 27.89 -12.70
C VAL B 70 12.00 29.11 -13.10
N PHE B 71 10.74 29.13 -12.68
CA PHE B 71 9.84 30.24 -12.94
C PHE B 71 9.51 31.02 -11.65
N ALA B 72 9.53 32.34 -11.71
CA ALA B 72 9.23 33.18 -10.53
C ALA B 72 8.63 34.53 -10.93
N GLY B 73 7.80 35.08 -10.03
CA GLY B 73 7.17 36.40 -10.22
C GLY B 73 6.05 36.33 -11.25
N PHE B 74 4.83 36.65 -10.84
CA PHE B 74 3.65 36.39 -11.65
C PHE B 74 2.56 37.44 -11.42
N ALA B 75 2.37 38.34 -12.40
CA ALA B 75 1.54 39.54 -12.20
C ALA B 75 1.89 40.15 -10.83
N GLY B 76 3.17 40.40 -10.62
CA GLY B 76 3.64 40.92 -9.35
C GLY B 76 3.54 39.99 -8.15
N ALA B 77 2.79 38.89 -8.28
CA ALA B 77 2.67 37.89 -7.20
C ALA B 77 4.01 37.19 -6.88
N ASP B 78 4.02 36.47 -5.78
CA ASP B 78 5.22 35.83 -5.25
C ASP B 78 5.40 34.38 -5.74
N TYR B 79 4.45 33.87 -6.52
CA TYR B 79 4.46 32.46 -6.85
C TYR B 79 5.78 32.06 -7.49
N ALA B 80 6.17 30.80 -7.27
CA ALA B 80 7.40 30.25 -7.83
C ALA B 80 7.41 28.71 -7.85
N PHE B 81 7.96 28.14 -8.93
CA PHE B 81 8.01 26.70 -9.16
C PHE B 81 9.11 26.31 -10.16
N GLU B 82 9.31 25.01 -10.30
CA GLU B 82 10.40 24.47 -11.09
C GLU B 82 9.85 23.36 -11.99
N THR B 83 10.47 23.13 -13.14
CA THR B 83 10.19 21.94 -13.97
C THR B 83 11.48 21.22 -14.20
N TYR B 84 11.41 19.90 -14.27
CA TYR B 84 12.56 19.07 -14.60
C TYR B 84 12.09 18.11 -15.69
N ILE B 85 12.67 18.25 -16.87
CA ILE B 85 12.37 17.34 -17.97
C ILE B 85 13.67 16.65 -18.31
N TRP B 86 13.66 15.31 -18.32
CA TRP B 86 14.91 14.59 -18.44
C TRP B 86 14.70 13.22 -19.04
N ILE B 87 15.81 12.61 -19.48
CA ILE B 87 15.80 11.24 -19.99
C ILE B 87 16.42 10.29 -18.99
N GLU B 88 15.79 9.14 -18.77
CA GLU B 88 16.31 8.12 -17.88
C GLU B 88 17.33 7.24 -18.59
N ARG B 89 18.62 7.33 -18.19
CA ARG B 89 19.64 6.36 -18.64
C ARG B 89 19.12 4.93 -18.79
N SER B 90 18.59 4.38 -17.71
CA SER B 90 18.25 2.96 -17.72
C SER B 90 17.13 2.56 -18.70
N SER B 91 16.39 3.51 -19.29
CA SER B 91 15.25 3.15 -20.17
C SER B 91 14.99 3.99 -21.42
N GLY B 92 15.52 5.19 -21.47
CA GLY B 92 15.14 6.11 -22.54
C GLY B 92 13.70 6.57 -22.37
N ASP B 93 13.17 6.45 -21.15
CA ASP B 93 11.90 7.07 -20.81
C ASP B 93 12.17 8.55 -20.65
N VAL B 94 11.16 9.36 -20.91
CA VAL B 94 11.27 10.80 -20.66
C VAL B 94 10.41 11.16 -19.48
N LEU B 95 11.02 11.83 -18.52
CA LEU B 95 10.31 12.18 -17.31
C LEU B 95 10.05 13.66 -17.28
N CYS B 96 8.85 13.97 -16.80
CA CYS B 96 8.38 15.33 -16.70
C CYS B 96 7.86 15.58 -15.28
N GLU B 97 8.60 16.43 -14.54
CA GLU B 97 8.27 16.80 -13.15
C GLU B 97 7.88 18.27 -13.08
N TRP B 98 6.77 18.56 -12.41
CA TRP B 98 6.39 19.93 -12.02
C TRP B 98 6.57 20.10 -10.51
N VAL B 99 7.50 20.98 -10.11
CA VAL B 99 7.97 21.12 -8.70
C VAL B 99 7.59 22.43 -7.98
N PRO B 100 6.67 22.35 -7.00
CA PRO B 100 6.39 23.53 -6.16
C PRO B 100 7.58 24.02 -5.36
N LEU B 101 7.78 25.34 -5.37
CA LEU B 101 8.88 25.97 -4.64
C LEU B 101 8.39 26.98 -3.60
N ARG B 102 7.62 27.95 -4.05
CA ARG B 102 7.02 28.96 -3.16
C ARG B 102 5.53 29.11 -3.44
N GLU B 103 4.72 29.08 -2.38
CA GLU B 103 3.26 29.27 -2.50
C GLU B 103 2.62 30.19 -1.47
N CYS B 104 3.41 30.79 -0.59
CA CYS B 104 2.85 31.78 0.34
C CYS B 104 2.51 33.01 -0.48
N GLY B 105 1.47 33.76 -0.09
CA GLY B 105 0.71 33.52 1.13
C GLY B 105 -0.49 34.43 1.09
N ALA B 106 -1.61 33.94 1.59
CA ALA B 106 -2.95 34.47 1.26
C ALA B 106 -3.32 34.09 -0.20
N GLU B 107 -3.52 35.07 -1.07
CA GLU B 107 -4.13 34.84 -2.39
C GLU B 107 -3.16 35.27 -3.52
N PRO B 108 -3.63 35.30 -4.79
CA PRO B 108 -4.87 34.73 -5.28
C PRO B 108 -4.89 33.23 -5.12
N ARG B 109 -5.96 32.62 -5.58
CA ARG B 109 -6.07 31.19 -5.60
C ARG B 109 -5.02 30.57 -6.54
N ILE B 110 -5.11 29.27 -6.73
CA ILE B 110 -4.33 28.58 -7.74
C ILE B 110 -5.12 27.33 -8.18
N ASP B 111 -5.89 27.49 -9.24
CA ASP B 111 -6.89 26.49 -9.65
C ASP B 111 -6.30 25.29 -10.35
N ARG B 112 -5.37 25.53 -11.29
CA ARG B 112 -4.91 24.45 -12.14
C ARG B 112 -3.60 24.69 -12.84
N VAL B 113 -2.97 23.56 -13.22
CA VAL B 113 -1.77 23.53 -14.04
C VAL B 113 -2.00 22.55 -15.18
N LEU B 114 -1.95 23.08 -16.40
CA LEU B 114 -2.02 22.25 -17.61
C LEU B 114 -0.59 22.10 -18.12
N TRP B 115 -0.03 20.92 -17.90
CA TRP B 115 1.35 20.67 -18.19
C TRP B 115 1.60 19.18 -17.96
N PRO B 116 2.49 18.58 -18.78
CA PRO B 116 3.12 19.20 -19.92
C PRO B 116 2.11 19.34 -21.05
N ALA B 117 2.43 20.23 -21.98
CA ALA B 117 1.55 20.56 -23.09
C ALA B 117 1.10 19.30 -23.81
N PRO B 118 -0.03 19.39 -24.51
CA PRO B 118 -0.43 18.25 -25.31
C PRO B 118 0.57 18.00 -26.43
N LEU B 119 0.53 16.81 -27.00
CA LEU B 119 1.42 16.46 -28.10
C LEU B 119 0.76 16.57 -29.47
N SER B 120 1.58 16.91 -30.47
CA SER B 120 1.13 17.05 -31.85
C SER B 120 0.66 15.73 -32.46
N PHE B 121 -0.55 15.76 -33.00
CA PHE B 121 -1.16 14.56 -33.55
C PHE B 121 -2.19 14.97 -34.63
N ASP B 122 -1.72 15.79 -35.58
CA ASP B 122 -2.58 16.46 -36.58
C ASP B 122 -2.58 15.81 -37.98
N ARG B 123 -3.29 14.71 -38.13
CA ARG B 123 -3.33 14.05 -39.43
C ARG B 123 -4.74 13.67 -39.85
N ALA B 124 -5.15 12.44 -39.54
CA ALA B 124 -6.41 11.88 -39.99
C ALA B 124 -6.19 10.37 -40.02
N ASP B 125 -5.30 9.90 -40.90
CA ASP B 125 -4.92 8.47 -41.02
C ASP B 125 -5.91 7.38 -40.52
N ALA B 126 -7.00 7.79 -39.86
CA ALA B 126 -8.00 6.90 -39.20
C ALA B 126 -7.47 5.64 -38.49
N HIS B 127 -6.17 5.37 -38.64
CA HIS B 127 -5.40 4.50 -37.76
C HIS B 127 -4.29 5.29 -37.07
N ASP B 128 -4.31 6.62 -37.25
CA ASP B 128 -3.68 7.58 -36.33
C ASP B 128 -4.70 7.82 -35.20
N VAL B 129 -4.68 6.91 -34.23
CA VAL B 129 -5.72 6.83 -33.21
C VAL B 129 -5.21 7.37 -31.86
N THR B 130 -6.13 7.50 -30.91
CA THR B 130 -5.85 7.97 -29.55
C THR B 130 -6.58 7.11 -28.52
N LEU B 131 -5.87 6.65 -27.49
CA LEU B 131 -6.51 5.93 -26.39
C LEU B 131 -6.70 6.84 -25.16
N ILE B 132 -7.82 6.65 -24.48
CA ILE B 132 -8.10 7.35 -23.23
C ILE B 132 -8.82 6.37 -22.34
N THR B 133 -8.68 6.55 -21.03
CA THR B 133 -9.06 5.52 -20.08
C THR B 133 -10.47 5.68 -19.54
N HIS B 134 -11.16 6.71 -20.02
CA HIS B 134 -12.60 6.87 -19.75
C HIS B 134 -13.33 5.55 -19.81
N GLU B 135 -13.56 5.01 -18.63
CA GLU B 135 -14.16 3.71 -18.46
C GLU B 135 -13.36 2.66 -19.25
N GLN B 136 -13.94 1.46 -19.39
CA GLN B 136 -13.24 0.29 -19.91
C GLN B 136 -12.22 0.57 -21.02
N GLY B 137 -12.54 1.49 -21.93
CA GLY B 137 -11.59 1.93 -22.95
C GLY B 137 -12.20 2.39 -24.26
N VAL B 138 -11.59 3.41 -24.85
CA VAL B 138 -12.11 4.10 -26.01
C VAL B 138 -10.95 4.39 -26.94
N MET B 139 -11.02 3.92 -28.18
CA MET B 139 -10.05 4.27 -29.23
C MET B 139 -10.58 5.33 -30.21
N ILE B 140 -9.84 6.42 -30.38
CA ILE B 140 -10.36 7.59 -31.10
C ILE B 140 -9.53 7.95 -32.33
N PRO B 141 -9.99 7.48 -33.50
CA PRO B 141 -9.41 7.82 -34.78
C PRO B 141 -9.37 9.31 -34.93
N ASN B 142 -8.33 9.83 -35.57
CA ASN B 142 -8.20 11.27 -35.77
C ASN B 142 -9.20 11.85 -36.77
N SER B 143 -9.94 10.97 -37.44
CA SER B 143 -11.00 11.33 -38.35
C SER B 143 -12.39 11.23 -37.70
N TRP B 144 -12.48 10.45 -36.63
CA TRP B 144 -13.77 10.14 -35.99
C TRP B 144 -14.72 11.35 -36.02
N PRO B 145 -15.94 11.16 -36.54
CA PRO B 145 -16.89 12.25 -36.80
C PRO B 145 -17.27 13.09 -35.55
N THR B 146 -17.96 12.44 -34.60
CA THR B 146 -18.29 12.96 -33.25
C THR B 146 -17.13 13.74 -32.62
N GLU B 147 -17.41 14.96 -32.18
CA GLU B 147 -16.45 15.77 -31.44
C GLU B 147 -16.31 15.24 -30.01
N VAL B 148 -15.09 15.25 -29.48
CA VAL B 148 -14.83 14.81 -28.09
C VAL B 148 -13.93 15.79 -27.32
N GLY B 149 -14.53 16.58 -26.43
CA GLY B 149 -13.83 17.46 -25.49
C GLY B 149 -13.95 16.97 -24.04
N THR B 150 -13.31 17.69 -23.11
CA THR B 150 -13.22 17.24 -21.70
C THR B 150 -14.57 17.09 -21.01
N ASP B 151 -15.39 18.12 -21.19
CA ASP B 151 -16.79 18.17 -20.74
C ASP B 151 -17.65 16.93 -21.07
N ALA B 152 -17.39 16.27 -22.20
CA ALA B 152 -18.09 15.03 -22.53
C ALA B 152 -17.67 13.83 -21.66
N VAL B 153 -16.56 13.99 -20.95
CA VAL B 153 -15.92 12.92 -20.18
C VAL B 153 -16.34 12.96 -18.72
N SER B 154 -16.65 11.77 -18.21
CA SER B 154 -16.99 11.62 -16.80
C SER B 154 -15.99 12.38 -15.95
N PHE B 155 -16.52 13.08 -14.97
CA PHE B 155 -15.71 13.78 -13.98
C PHE B 155 -14.60 14.71 -14.55
N GLY B 156 -14.77 15.20 -15.79
CA GLY B 156 -13.85 16.22 -16.32
C GLY B 156 -12.43 15.69 -16.47
N GLY B 157 -12.33 14.40 -16.79
CA GLY B 157 -11.06 13.76 -17.06
C GLY B 157 -10.21 13.51 -15.83
N ARG B 158 -10.86 13.17 -14.72
CA ARG B 158 -10.17 12.97 -13.45
C ARG B 158 -9.64 11.57 -13.38
N PHE B 159 -8.33 11.44 -13.15
CA PHE B 159 -7.77 10.13 -12.86
C PHE B 159 -8.38 9.62 -11.55
N GLU B 160 -8.46 8.30 -11.45
CA GLU B 160 -8.96 7.58 -10.27
C GLU B 160 -10.49 7.56 -10.16
N THR B 161 -11.13 7.99 -11.24
CA THR B 161 -12.57 7.95 -11.37
C THR B 161 -12.91 7.09 -12.57
N ALA B 162 -14.20 7.01 -12.86
CA ALA B 162 -14.66 6.47 -14.13
C ALA B 162 -14.17 7.33 -15.31
N GLY B 163 -13.99 8.63 -15.09
CA GLY B 163 -13.52 9.47 -16.16
C GLY B 163 -12.09 9.15 -16.57
N GLY B 164 -11.46 8.19 -15.87
CA GLY B 164 -10.06 7.86 -16.07
C GLY B 164 -9.57 6.66 -15.26
N TYR B 165 -10.15 5.49 -15.54
CA TYR B 165 -9.85 4.24 -14.80
C TYR B 165 -8.38 4.02 -14.47
N MET B 166 -7.51 4.45 -15.39
CA MET B 166 -6.08 4.28 -15.25
C MET B 166 -5.38 5.59 -15.58
N PRO B 167 -4.34 5.95 -14.80
CA PRO B 167 -3.70 7.24 -14.90
C PRO B 167 -2.81 7.41 -16.12
N TRP B 168 -3.38 7.20 -17.30
CA TRP B 168 -2.62 7.37 -18.54
C TRP B 168 -3.47 7.58 -19.81
N PHE B 169 -2.77 8.01 -20.84
CA PHE B 169 -3.32 8.02 -22.17
C PHE B 169 -2.20 7.80 -23.17
N ALA B 170 -2.44 6.99 -24.21
CA ALA B 170 -1.50 6.86 -25.34
C ALA B 170 -2.08 7.27 -26.69
N GLN B 171 -1.22 7.87 -27.52
CA GLN B 171 -1.52 8.17 -28.94
C GLN B 171 -0.67 7.29 -29.90
N LEU B 172 -1.35 6.55 -30.77
CA LEU B 172 -0.75 5.53 -31.66
C LEU B 172 -0.94 5.81 -33.14
N ARG B 173 0.12 6.23 -33.83
CA ARG B 173 0.10 6.42 -35.30
C ARG B 173 -0.12 5.10 -36.09
N SER B 174 -0.66 5.22 -37.30
CA SER B 174 -0.89 4.07 -38.23
C SER B 174 0.37 3.24 -38.32
N ASP B 175 1.40 3.89 -38.86
CA ASP B 175 2.80 3.68 -38.51
C ASP B 175 3.11 2.52 -37.53
N GLY B 176 2.65 2.63 -36.28
CA GLY B 176 3.02 1.66 -35.24
C GLY B 176 4.05 2.20 -34.25
N HIS B 177 4.46 3.45 -34.46
CA HIS B 177 5.16 4.23 -33.46
C HIS B 177 4.12 4.95 -32.61
N ALA B 178 4.25 4.82 -31.28
CA ALA B 178 3.31 5.42 -30.31
C ALA B 178 4.05 6.18 -29.21
N TYR B 179 3.29 6.63 -28.21
CA TYR B 179 3.82 7.07 -26.91
C TYR B 179 2.76 6.90 -25.81
N ILE B 180 3.15 6.38 -24.65
CA ILE B 180 2.24 6.37 -23.51
C ILE B 180 2.69 7.43 -22.51
N ALA B 181 1.75 8.27 -22.06
CA ALA B 181 2.00 9.22 -20.96
C ALA B 181 1.42 8.68 -19.65
N ILE B 182 2.30 8.40 -18.70
CA ILE B 182 1.85 7.92 -17.39
C ILE B 182 1.95 8.99 -16.33
N CYS B 183 0.82 9.26 -15.67
CA CYS B 183 0.81 10.10 -14.49
C CYS B 183 1.23 9.27 -13.30
N GLU B 184 2.38 9.61 -12.71
CA GLU B 184 2.91 8.87 -11.56
C GLU B 184 2.39 9.45 -10.24
N THR B 185 1.70 10.58 -10.36
CA THR B 185 1.13 11.28 -9.23
C THR B 185 -0.33 11.66 -9.52
N PRO B 186 -1.18 10.64 -9.69
CA PRO B 186 -2.52 10.81 -10.23
C PRO B 186 -3.52 11.56 -9.34
N TRP B 187 -3.28 11.58 -8.03
CA TRP B 187 -4.36 11.74 -7.03
C TRP B 187 -5.07 13.09 -7.09
N ASN B 188 -4.34 14.12 -7.48
CA ASN B 188 -4.90 15.45 -7.70
C ASN B 188 -4.72 15.76 -9.18
N ALA B 189 -5.24 14.89 -10.03
CA ALA B 189 -4.90 15.01 -11.45
C ALA B 189 -5.89 14.39 -12.42
N GLY B 190 -5.65 14.68 -13.69
CA GLY B 190 -6.42 14.11 -14.79
C GLY B 190 -5.94 14.62 -16.12
N TYR B 191 -6.66 14.21 -17.18
CA TYR B 191 -6.38 14.63 -18.57
C TYR B 191 -7.45 15.57 -19.15
N ASP B 192 -7.09 16.25 -20.22
CA ASP B 192 -7.88 17.35 -20.80
C ASP B 192 -7.96 17.13 -22.32
N ILE B 193 -8.94 16.34 -22.77
CA ILE B 193 -9.04 16.01 -24.22
C ILE B 193 -9.76 17.02 -25.10
N ASP B 194 -9.34 17.04 -26.36
CA ASP B 194 -9.92 17.90 -27.37
C ASP B 194 -9.81 17.21 -28.74
N HIS B 195 -10.95 16.83 -29.31
CA HIS B 195 -10.99 16.32 -30.68
C HIS B 195 -12.13 16.98 -31.45
N PRO B 196 -11.84 18.07 -32.21
CA PRO B 196 -12.88 18.67 -33.03
C PRO B 196 -13.50 17.66 -33.99
N ALA B 197 -14.80 17.79 -34.23
CA ALA B 197 -15.53 16.89 -35.13
C ALA B 197 -15.23 17.23 -36.58
N GLY B 198 -14.87 16.26 -37.43
CA GLY B 198 -14.45 14.91 -37.06
C GLY B 198 -13.03 14.77 -37.55
N GLY B 199 -12.15 15.57 -36.95
CA GLY B 199 -10.76 15.70 -37.37
C GLY B 199 -10.47 17.17 -37.53
N PRO B 200 -9.20 17.50 -37.87
CA PRO B 200 -8.10 16.56 -38.16
C PRO B 200 -7.56 15.78 -36.95
N TYR B 201 -7.36 16.50 -35.85
CA TYR B 201 -6.54 16.06 -34.73
C TYR B 201 -7.29 15.59 -33.47
N THR B 202 -6.52 14.99 -32.57
CA THR B 202 -6.96 14.66 -31.23
C THR B 202 -5.86 15.10 -30.28
N HIS B 203 -6.19 16.06 -29.41
CA HIS B 203 -5.25 16.59 -28.41
C HIS B 203 -5.58 16.21 -26.97
N VAL B 204 -4.60 15.61 -26.31
CA VAL B 204 -4.75 15.17 -24.93
C VAL B 204 -3.62 15.78 -24.11
N GLY B 205 -3.84 15.86 -22.81
CA GLY B 205 -2.98 16.65 -21.94
C GLY B 205 -3.28 16.38 -20.48
N MET B 206 -2.25 16.55 -19.65
CA MET B 206 -2.37 16.32 -18.22
C MET B 206 -2.71 17.65 -17.57
N TRP B 207 -3.58 17.58 -16.58
CA TRP B 207 -3.86 18.73 -15.74
C TRP B 207 -3.69 18.34 -14.27
N PHE B 208 -3.31 19.32 -13.47
CA PHE B 208 -2.95 19.12 -12.08
C PHE B 208 -3.56 20.22 -11.16
N GLU B 209 -4.48 19.83 -10.29
CA GLU B 209 -5.06 20.73 -9.29
C GLU B 209 -4.15 20.87 -8.03
N PRO B 210 -4.52 21.73 -7.06
CA PRO B 210 -3.79 21.78 -5.81
C PRO B 210 -4.42 20.86 -4.77
N SER B 211 -3.64 20.44 -3.78
CA SER B 211 -4.13 19.64 -2.66
C SER B 211 -4.36 20.55 -1.47
N LEU B 212 -5.62 20.60 -1.02
CA LEU B 212 -6.01 21.47 0.07
C LEU B 212 -5.45 22.87 -0.12
N GLY B 213 -5.75 23.46 -1.29
CA GLY B 213 -5.36 24.83 -1.62
C GLY B 213 -3.88 25.10 -1.83
N ARG B 214 -3.05 24.06 -1.75
CA ARG B 214 -1.60 24.18 -1.97
C ARG B 214 -1.19 23.17 -3.08
N MET B 215 -0.38 23.59 -4.05
CA MET B 215 0.14 22.62 -5.04
C MET B 215 0.95 21.53 -4.31
N ASP B 216 1.69 21.95 -3.29
CA ASP B 216 2.26 21.05 -2.27
C ASP B 216 3.36 20.13 -2.78
N TYR B 217 3.05 19.17 -3.65
CA TYR B 217 4.01 18.10 -3.99
C TYR B 217 4.34 17.93 -5.47
N ARG B 218 5.59 17.56 -5.76
CA ARG B 218 6.02 17.25 -7.14
C ARG B 218 5.00 16.45 -7.90
N ARG B 219 4.65 16.92 -9.09
CA ARG B 219 3.81 16.12 -9.98
C ARG B 219 4.68 15.53 -11.06
N VAL B 220 4.41 14.28 -11.43
CA VAL B 220 5.31 13.59 -12.34
C VAL B 220 4.59 12.80 -13.39
N VAL B 221 5.05 13.01 -14.62
CA VAL B 221 4.62 12.24 -15.78
C VAL B 221 5.80 11.54 -16.43
N ARG B 222 5.61 10.27 -16.68
CA ARG B 222 6.60 9.45 -17.35
C ARG B 222 6.09 9.13 -18.73
N TYR B 223 6.83 9.60 -19.73
CA TYR B 223 6.58 9.25 -21.11
C TYR B 223 7.50 8.11 -21.55
N ARG B 224 6.92 7.08 -22.14
CA ARG B 224 7.69 6.08 -22.91
C ARG B 224 7.28 6.13 -24.38
N LEU B 225 8.25 6.13 -25.28
CA LEU B 225 7.98 6.12 -26.74
C LEU B 225 8.10 4.72 -27.30
N LEU B 226 7.00 4.22 -27.84
CA LEU B 226 6.95 2.86 -28.35
C LEU B 226 7.32 2.72 -29.85
N ASP B 227 7.29 1.47 -30.33
CA ASP B 227 7.53 1.08 -31.73
C ASP B 227 7.04 -0.34 -31.98
N HIS B 228 6.74 -0.67 -33.24
CA HIS B 228 6.13 -1.98 -33.57
C HIS B 228 4.96 -2.23 -32.62
N ALA B 229 4.17 -1.18 -32.41
CA ALA B 229 3.20 -1.13 -31.33
C ALA B 229 1.78 -1.16 -31.85
N ASP B 230 1.05 -2.17 -31.41
CA ASP B 230 -0.39 -2.13 -31.47
C ASP B 230 -0.88 -1.57 -30.13
N HIS B 231 -2.17 -1.67 -29.88
CA HIS B 231 -2.73 -1.19 -28.64
C HIS B 231 -2.67 -2.24 -27.53
N THR B 232 -2.57 -3.53 -27.88
CA THR B 232 -2.31 -4.58 -26.86
C THR B 232 -0.93 -4.31 -26.23
N ALA B 233 0.03 -3.84 -27.02
CA ALA B 233 1.38 -3.54 -26.53
C ALA B 233 1.33 -2.47 -25.45
N ILE B 234 0.62 -1.40 -25.75
CA ILE B 234 0.56 -0.22 -24.89
C ILE B 234 -0.07 -0.53 -23.53
N CYS B 235 -1.16 -1.29 -23.50
CA CYS B 235 -1.70 -1.76 -22.23
C CYS B 235 -0.67 -2.52 -21.39
N LYS B 236 0.28 -3.17 -22.06
CA LYS B 236 1.24 -4.03 -21.41
C LYS B 236 2.42 -3.25 -20.86
N THR B 237 2.65 -2.08 -21.41
CA THR B 237 3.66 -1.19 -20.88
C THR B 237 3.21 -0.80 -19.47
N TYR B 238 2.00 -0.20 -19.39
CA TYR B 238 1.42 0.21 -18.12
C TYR B 238 1.24 -0.95 -17.14
N ARG B 239 0.95 -2.15 -17.65
CA ARG B 239 0.75 -3.28 -16.75
C ARG B 239 2.07 -3.67 -16.11
N ALA B 240 3.19 -3.34 -16.76
CA ALA B 240 4.50 -3.66 -16.23
C ALA B 240 4.86 -2.61 -15.21
N TYR B 241 4.64 -1.35 -15.58
CA TYR B 241 4.76 -0.23 -14.63
C TYR B 241 4.10 -0.56 -13.28
N VAL B 242 2.83 -0.94 -13.34
CA VAL B 242 2.08 -1.25 -12.13
C VAL B 242 2.65 -2.46 -11.41
N ASN B 243 3.13 -3.46 -12.15
CA ASN B 243 3.72 -4.60 -11.47
C ASN B 243 5.07 -4.21 -10.86
N GLU B 244 5.84 -3.41 -11.58
CA GLU B 244 7.15 -2.95 -11.13
C GLU B 244 7.02 -2.23 -9.78
N ARG B 245 5.81 -1.73 -9.56
CA ARG B 245 5.51 -0.88 -8.43
C ARG B 245 4.60 -1.55 -7.45
N GLY B 246 4.45 -2.86 -7.59
CA GLY B 246 3.75 -3.69 -6.63
C GLY B 246 2.24 -3.55 -6.53
N ARG B 247 1.63 -2.81 -7.44
CA ARG B 247 0.16 -2.66 -7.41
C ARG B 247 -0.64 -3.55 -8.38
N LEU B 248 -0.01 -4.59 -8.93
CA LEU B 248 -0.70 -5.50 -9.85
C LEU B 248 -1.22 -6.74 -9.14
N ARG B 249 -2.27 -6.58 -8.34
CA ARG B 249 -2.68 -7.69 -7.49
C ARG B 249 -3.59 -8.63 -8.23
N THR B 250 -3.11 -9.85 -8.43
CA THR B 250 -3.89 -10.88 -9.07
C THR B 250 -4.89 -11.52 -8.12
N LEU B 251 -5.85 -12.20 -8.76
CA LEU B 251 -6.88 -12.95 -8.10
C LEU B 251 -6.29 -14.22 -7.49
N ALA B 252 -5.27 -14.78 -8.14
CA ALA B 252 -4.55 -15.89 -7.55
C ALA B 252 -4.05 -15.43 -6.18
N GLU B 253 -3.35 -14.28 -6.19
CA GLU B 253 -2.81 -13.67 -4.98
C GLU B 253 -3.93 -13.41 -3.95
N LYS B 254 -5.07 -12.92 -4.41
CA LYS B 254 -6.22 -12.66 -3.53
C LYS B 254 -6.81 -13.96 -3.05
N ALA B 255 -7.11 -14.80 -4.03
CA ALA B 255 -7.58 -16.17 -3.79
C ALA B 255 -6.74 -16.93 -2.76
N ALA B 256 -5.42 -16.74 -2.78
CA ALA B 256 -4.56 -17.39 -1.78
C ALA B 256 -4.81 -16.91 -0.35
N ARG B 257 -5.45 -15.75 -0.19
CA ARG B 257 -5.81 -15.23 1.13
C ARG B 257 -7.23 -15.63 1.50
N ASN B 258 -8.17 -15.27 0.63
CA ASN B 258 -9.54 -15.75 0.72
C ASN B 258 -9.76 -16.64 -0.51
N PRO B 259 -9.79 -17.98 -0.32
CA PRO B 259 -9.87 -18.88 -1.49
C PRO B 259 -11.22 -18.83 -2.23
N SER B 260 -12.27 -18.43 -1.50
CA SER B 260 -13.61 -18.19 -2.03
C SER B 260 -13.69 -17.20 -3.20
N VAL B 261 -12.66 -16.40 -3.42
CA VAL B 261 -12.56 -15.60 -4.64
C VAL B 261 -12.90 -16.47 -5.85
N ARG B 262 -12.47 -17.74 -5.83
CA ARG B 262 -12.66 -18.68 -6.96
C ARG B 262 -14.12 -18.92 -7.34
N ASP B 263 -14.96 -18.90 -6.31
CA ASP B 263 -16.37 -19.24 -6.38
C ASP B 263 -17.22 -18.17 -7.07
N LEU B 264 -16.68 -16.99 -7.25
CA LEU B 264 -17.32 -16.01 -8.10
C LEU B 264 -17.19 -16.41 -9.55
N LEU B 265 -16.37 -17.41 -9.83
CA LEU B 265 -16.18 -17.88 -11.20
C LEU B 265 -17.41 -18.63 -11.69
N GLY B 266 -17.63 -18.49 -13.00
CA GLY B 266 -18.85 -18.92 -13.69
C GLY B 266 -20.14 -18.79 -12.94
N ARG B 267 -20.47 -17.56 -12.53
CA ARG B 267 -21.75 -17.29 -11.87
C ARG B 267 -22.53 -16.21 -12.60
N SER B 268 -23.85 -16.32 -12.52
CA SER B 268 -24.76 -15.32 -13.08
C SER B 268 -25.09 -14.32 -12.00
N TRP B 269 -25.26 -13.07 -12.40
CA TRP B 269 -25.40 -11.94 -11.47
C TRP B 269 -26.85 -11.46 -11.35
N VAL B 270 -27.36 -11.44 -10.12
CA VAL B 270 -28.69 -10.89 -9.83
C VAL B 270 -28.60 -9.60 -9.00
N HIS B 271 -29.06 -8.49 -9.57
CA HIS B 271 -29.11 -7.18 -8.88
C HIS B 271 -30.54 -6.66 -8.75
N VAL B 272 -31.11 -6.73 -7.54
CA VAL B 272 -32.50 -6.29 -7.30
C VAL B 272 -32.67 -5.65 -5.92
N GLY B 273 -33.79 -4.95 -5.73
CA GLY B 273 -34.04 -4.15 -4.52
C GLY B 273 -35.11 -4.65 -3.55
N ILE B 274 -35.05 -4.12 -2.34
CA ILE B 274 -36.10 -4.28 -1.34
C ILE B 274 -36.78 -2.90 -1.32
N LYS B 275 -36.60 -2.13 -0.25
CA LYS B 275 -37.36 -0.91 -0.03
C LYS B 275 -36.82 0.22 -0.89
N THR B 276 -37.71 0.83 -1.68
CA THR B 276 -37.46 2.11 -2.33
C THR B 276 -38.33 3.15 -1.67
N ASN B 277 -37.76 4.33 -1.48
CA ASN B 277 -38.33 5.28 -0.55
C ASN B 277 -37.72 6.63 -0.83
N VAL B 278 -38.21 7.27 -1.87
CA VAL B 278 -37.69 8.55 -2.32
C VAL B 278 -38.32 9.69 -1.54
N GLN B 279 -37.49 10.45 -0.83
CA GLN B 279 -37.99 11.55 0.00
C GLN B 279 -38.47 12.75 -0.85
N PRO B 280 -39.41 13.55 -0.31
CA PRO B 280 -39.87 14.80 -0.92
C PRO B 280 -38.80 15.75 -1.50
N ASP B 281 -37.76 16.07 -0.72
CA ASP B 281 -36.71 17.01 -1.18
C ASP B 281 -35.62 16.35 -2.05
N SER B 282 -35.78 15.04 -2.33
CA SER B 282 -34.96 14.33 -3.31
C SER B 282 -35.27 14.85 -4.71
N SER B 283 -34.24 14.93 -5.55
CA SER B 283 -34.41 15.40 -6.90
C SER B 283 -35.13 14.38 -7.76
N PHE B 284 -35.19 13.14 -7.29
CA PHE B 284 -35.92 12.09 -8.00
C PHE B 284 -37.40 11.96 -7.64
N TYR B 285 -37.85 12.66 -6.60
CA TYR B 285 -39.26 12.64 -6.19
C TYR B 285 -40.14 13.28 -7.27
N ASP B 286 -41.09 12.51 -7.78
CA ASP B 286 -42.16 13.05 -8.64
C ASP B 286 -43.50 12.78 -7.97
N PRO B 287 -44.14 13.85 -7.45
CA PRO B 287 -45.38 13.67 -6.71
C PRO B 287 -46.52 13.27 -7.64
N ALA B 288 -46.60 13.98 -8.76
CA ALA B 288 -47.52 13.69 -9.85
C ALA B 288 -47.20 12.40 -10.65
N GLN B 289 -46.36 11.51 -10.12
CA GLN B 289 -46.15 10.15 -10.65
C GLN B 289 -45.69 9.24 -9.50
N PRO B 290 -46.48 9.12 -8.43
CA PRO B 290 -46.02 8.60 -7.14
C PRO B 290 -45.89 7.08 -7.04
N GLY B 291 -46.00 6.38 -8.15
CA GLY B 291 -45.80 4.94 -8.15
C GLY B 291 -44.36 4.59 -7.82
N LYS B 292 -43.44 5.41 -8.33
CA LYS B 292 -42.02 5.08 -8.40
C LYS B 292 -41.27 5.48 -7.11
N ASN B 293 -41.62 6.64 -6.59
CA ASN B 293 -41.08 7.15 -5.33
C ASN B 293 -41.18 6.15 -4.18
N ASP B 294 -42.15 5.26 -4.22
CA ASP B 294 -42.32 4.27 -3.16
C ASP B 294 -42.56 2.87 -3.73
N SER B 295 -42.03 1.87 -3.06
CA SER B 295 -42.29 0.46 -3.40
C SER B 295 -41.55 -0.47 -2.42
N LEU B 296 -41.85 -1.76 -2.52
CA LEU B 296 -41.36 -2.76 -1.55
C LEU B 296 -41.65 -4.16 -2.08
N VAL B 297 -40.68 -5.04 -1.84
CA VAL B 297 -40.83 -6.47 -2.04
C VAL B 297 -40.06 -7.11 -0.91
N THR B 298 -40.56 -8.21 -0.35
CA THR B 298 -40.01 -8.73 0.92
C THR B 298 -38.80 -9.65 0.70
N PHE B 299 -38.23 -10.12 1.81
CA PHE B 299 -37.15 -11.12 1.76
C PHE B 299 -37.68 -12.45 1.24
N ALA B 300 -38.81 -12.87 1.79
CA ALA B 300 -39.52 -14.09 1.36
C ALA B 300 -39.89 -14.13 -0.15
N GLN B 301 -40.11 -12.96 -0.75
CA GLN B 301 -40.42 -12.82 -2.20
C GLN B 301 -39.18 -12.90 -3.07
N ARG B 302 -38.08 -12.38 -2.54
CA ARG B 302 -36.79 -12.51 -3.18
C ARG B 302 -36.26 -13.91 -2.95
N GLU B 303 -36.65 -14.50 -1.83
CA GLU B 303 -36.37 -15.91 -1.54
C GLU B 303 -37.07 -16.86 -2.54
N ARG B 304 -38.39 -16.71 -2.69
CA ARG B 304 -39.18 -17.51 -3.68
C ARG B 304 -38.74 -17.37 -5.15
N GLN B 305 -38.24 -16.18 -5.48
CA GLN B 305 -37.69 -15.88 -6.81
C GLN B 305 -36.32 -16.53 -7.00
N MET B 306 -35.60 -16.73 -5.90
CA MET B 306 -34.34 -17.45 -5.95
C MET B 306 -34.61 -18.94 -6.18
N ARG B 307 -35.18 -19.60 -5.17
CA ARG B 307 -35.68 -20.98 -5.27
C ARG B 307 -36.11 -21.29 -6.70
N THR B 308 -37.06 -20.49 -7.19
CA THR B 308 -37.63 -20.60 -8.53
C THR B 308 -36.53 -20.62 -9.59
N LEU B 309 -35.68 -19.61 -9.57
CA LEU B 309 -34.62 -19.44 -10.58
C LEU B 309 -33.58 -20.57 -10.60
N HIS B 310 -33.42 -21.20 -9.44
CA HIS B 310 -32.69 -22.45 -9.36
C HIS B 310 -33.44 -23.56 -10.11
N GLU B 311 -34.73 -23.69 -9.81
CA GLU B 311 -35.63 -24.66 -10.47
C GLU B 311 -35.74 -24.43 -11.99
N MET B 312 -35.81 -23.18 -12.42
CA MET B 312 -35.80 -22.87 -13.85
C MET B 312 -34.48 -23.26 -14.53
N GLY B 313 -33.56 -23.83 -13.75
CA GLY B 313 -32.26 -24.25 -14.24
C GLY B 313 -31.29 -23.09 -14.48
N ALA B 314 -31.36 -22.05 -13.65
CA ALA B 314 -30.45 -20.90 -13.79
C ALA B 314 -29.00 -21.33 -13.58
N GLY B 315 -28.79 -22.18 -12.57
CA GLY B 315 -27.48 -22.78 -12.29
C GLY B 315 -26.82 -22.21 -11.04
N ARG B 316 -25.71 -21.50 -11.25
CA ARG B 316 -24.90 -20.92 -10.16
C ARG B 316 -24.95 -19.39 -10.19
N LEU B 317 -25.33 -18.79 -9.06
CA LEU B 317 -25.65 -17.35 -8.98
C LEU B 317 -25.02 -16.59 -7.80
N TYR B 318 -24.91 -15.28 -7.96
CA TYR B 318 -24.63 -14.37 -6.83
C TYR B 318 -25.69 -13.27 -6.78
N LEU B 319 -26.12 -12.97 -5.56
CA LEU B 319 -27.22 -12.03 -5.33
C LEU B 319 -26.74 -10.75 -4.64
N HIS B 320 -26.99 -9.62 -5.30
CA HIS B 320 -26.68 -8.28 -4.81
C HIS B 320 -28.00 -7.57 -4.47
N LEU B 321 -28.25 -7.37 -3.17
CA LEU B 321 -29.53 -6.84 -2.68
C LEU B 321 -29.50 -5.35 -2.24
N ASP B 322 -30.25 -4.49 -2.95
CA ASP B 322 -30.40 -3.05 -2.61
C ASP B 322 -31.46 -2.82 -1.52
N GLY B 323 -31.43 -1.67 -0.86
CA GLY B 323 -32.52 -1.22 0.00
C GLY B 323 -32.79 -2.02 1.26
N TRP B 324 -31.96 -3.01 1.53
CA TRP B 324 -32.24 -4.01 2.60
C TRP B 324 -32.51 -3.48 4.03
N ALA B 325 -32.23 -2.20 4.30
CA ALA B 325 -32.36 -1.66 5.69
C ALA B 325 -33.51 -0.68 5.87
N GLN B 326 -33.90 -0.52 7.13
CA GLN B 326 -35.11 0.22 7.50
C GLN B 326 -35.24 1.51 6.70
N PRO B 327 -34.24 2.39 6.75
CA PRO B 327 -34.41 3.67 6.03
C PRO B 327 -34.77 3.56 4.53
N GLY B 328 -34.35 2.47 3.87
CA GLY B 328 -34.56 2.32 2.41
C GLY B 328 -33.37 2.75 1.58
N TYR B 329 -33.34 2.31 0.32
CA TYR B 329 -32.19 2.50 -0.58
C TYR B 329 -31.75 3.95 -0.67
N ASP B 330 -30.46 4.18 -0.44
CA ASP B 330 -29.89 5.52 -0.47
C ASP B 330 -30.58 6.49 0.50
N ASN B 331 -31.13 5.94 1.59
CA ASN B 331 -31.57 6.75 2.72
C ASN B 331 -30.72 6.44 3.92
N GLY B 332 -30.36 7.48 4.67
CA GLY B 332 -29.87 7.32 6.04
C GLY B 332 -28.49 6.73 6.27
N HIS B 333 -27.69 6.59 5.22
CA HIS B 333 -26.30 6.14 5.36
C HIS B 333 -25.54 7.23 6.13
N PRO B 334 -24.63 6.80 7.04
CA PRO B 334 -24.20 5.44 7.26
C PRO B 334 -25.06 4.64 8.27
N ASP B 335 -26.07 5.27 8.89
CA ASP B 335 -26.92 4.56 9.89
C ASP B 335 -27.98 3.73 9.19
N TYR B 336 -27.49 2.72 8.48
CA TYR B 336 -28.26 1.93 7.53
C TYR B 336 -28.46 0.58 8.19
N LEU B 337 -29.33 0.62 9.20
CA LEU B 337 -29.72 -0.53 9.99
C LEU B 337 -31.06 -0.16 10.67
N PRO B 338 -31.81 -1.16 11.15
CA PRO B 338 -31.53 -2.58 10.98
C PRO B 338 -32.08 -3.03 9.65
N ALA B 339 -32.20 -4.34 9.47
CA ALA B 339 -32.85 -4.87 8.29
C ALA B 339 -34.31 -4.46 8.35
N CYS B 340 -34.88 -4.18 7.18
CA CYS B 340 -36.24 -3.62 7.07
C CYS B 340 -37.29 -4.52 7.72
N ARG B 341 -37.98 -4.00 8.73
CA ARG B 341 -38.98 -4.79 9.48
C ARG B 341 -40.23 -5.09 8.65
N GLU B 342 -40.56 -4.20 7.73
CA GLU B 342 -41.70 -4.37 6.81
C GLU B 342 -41.37 -5.34 5.68
N ALA B 343 -40.20 -5.97 5.71
CA ALA B 343 -39.83 -6.96 4.69
C ALA B 343 -39.37 -8.29 5.27
N GLY B 344 -39.38 -8.40 6.60
CA GLY B 344 -39.00 -9.62 7.30
C GLY B 344 -38.20 -9.35 8.56
N GLY B 345 -37.36 -8.33 8.50
CA GLY B 345 -36.40 -8.05 9.57
C GLY B 345 -35.21 -8.99 9.47
N TRP B 346 -34.52 -9.17 10.60
CA TRP B 346 -33.36 -10.05 10.63
C TRP B 346 -33.75 -11.49 10.29
N LYS B 347 -34.76 -12.01 11.01
CA LYS B 347 -35.33 -13.34 10.75
C LYS B 347 -35.49 -13.62 9.25
N GLY B 348 -36.18 -12.69 8.57
CA GLY B 348 -36.46 -12.80 7.14
C GLY B 348 -35.23 -12.73 6.26
N MET B 349 -34.29 -11.87 6.63
CA MET B 349 -33.05 -11.76 5.84
C MET B 349 -32.22 -13.03 5.98
N LYS B 350 -32.03 -13.46 7.24
CA LYS B 350 -31.34 -14.71 7.57
C LYS B 350 -31.92 -15.91 6.79
N SER B 351 -33.25 -16.04 6.84
CA SER B 351 -34.01 -17.00 6.05
C SER B 351 -33.67 -16.90 4.54
N LEU B 352 -33.64 -15.66 4.02
CA LEU B 352 -33.29 -15.43 2.62
C LEU B 352 -31.87 -15.93 2.33
N ILE B 353 -30.94 -15.51 3.17
CA ILE B 353 -29.52 -15.84 3.02
C ILE B 353 -29.27 -17.33 3.10
N ASP B 354 -29.64 -17.93 4.22
CA ASP B 354 -29.49 -19.37 4.44
C ASP B 354 -30.01 -20.16 3.25
N ALA B 355 -31.18 -19.75 2.79
CA ALA B 355 -31.80 -20.35 1.61
C ALA B 355 -30.82 -20.37 0.45
N CYS B 356 -30.24 -19.22 0.13
CA CYS B 356 -29.30 -19.10 -0.98
C CYS B 356 -28.09 -20.01 -0.80
N HIS B 357 -27.68 -20.22 0.44
CA HIS B 357 -26.53 -21.09 0.79
C HIS B 357 -26.88 -22.55 0.58
N GLU B 358 -28.11 -22.92 0.96
CA GLU B 358 -28.61 -24.28 0.83
C GLU B 358 -28.56 -24.72 -0.63
N GLN B 359 -29.05 -23.88 -1.54
CA GLN B 359 -28.94 -24.17 -2.97
C GLN B 359 -27.58 -23.79 -3.59
N GLY B 360 -26.61 -23.43 -2.72
CA GLY B 360 -25.23 -23.20 -3.14
C GLY B 360 -25.06 -21.96 -4.00
N ASP B 361 -25.71 -20.87 -3.56
CA ASP B 361 -25.67 -19.55 -4.21
C ASP B 361 -25.08 -18.46 -3.26
N LEU B 362 -24.40 -17.47 -3.85
CA LEU B 362 -23.66 -16.44 -3.08
C LEU B 362 -24.43 -15.14 -2.90
N PHE B 363 -24.27 -14.54 -1.72
CA PHE B 363 -25.00 -13.33 -1.33
C PHE B 363 -24.05 -12.16 -1.03
N GLY B 364 -24.50 -10.95 -1.34
CA GLY B 364 -23.82 -9.71 -0.93
C GLY B 364 -24.80 -8.58 -0.67
N THR B 365 -24.41 -7.59 0.15
CA THR B 365 -25.24 -6.39 0.35
C THR B 365 -24.81 -5.25 -0.55
N HIS B 366 -25.72 -4.31 -0.75
CA HIS B 366 -25.40 -2.99 -1.27
C HIS B 366 -25.40 -2.02 -0.09
N ASP B 367 -24.20 -1.58 0.27
CA ASP B 367 -24.00 -0.61 1.35
C ASP B 367 -23.22 0.58 0.80
N GLN B 368 -23.01 1.57 1.65
CA GLN B 368 -22.61 2.88 1.20
C GLN B 368 -21.97 3.64 2.35
N TYR B 369 -20.79 4.19 2.09
CA TYR B 369 -20.04 4.86 3.15
C TYR B 369 -19.40 6.20 2.79
N ARG B 370 -19.88 6.83 1.73
CA ARG B 370 -19.50 8.20 1.42
C ARG B 370 -20.70 9.14 1.66
N ASP B 371 -21.81 8.84 1.00
CA ASP B 371 -23.05 9.61 1.19
C ASP B 371 -23.46 9.63 2.65
N TYR B 372 -23.67 10.84 3.16
CA TYR B 372 -24.02 11.11 4.55
C TYR B 372 -25.29 11.97 4.55
N TYR B 373 -26.40 11.39 5.02
CA TYR B 373 -27.74 12.02 4.93
C TYR B 373 -28.12 12.68 6.23
N PHE B 374 -28.66 13.90 6.14
CA PHE B 374 -29.04 14.70 7.31
C PHE B 374 -30.01 13.92 8.18
N ALA B 375 -30.79 13.05 7.55
CA ALA B 375 -31.71 12.14 8.23
C ALA B 375 -31.09 10.82 8.70
N ALA B 376 -29.76 10.75 8.75
CA ALA B 376 -29.13 9.58 9.34
C ALA B 376 -29.40 9.67 10.84
N ARG B 377 -29.62 8.54 11.50
CA ARG B 377 -29.91 8.56 12.95
C ARG B 377 -28.91 9.38 13.77
N THR B 378 -27.62 9.25 13.43
CA THR B 378 -26.52 9.88 14.17
C THR B 378 -25.88 11.04 13.42
N PHE B 379 -26.50 11.51 12.34
CA PHE B 379 -25.91 12.61 11.58
C PHE B 379 -25.31 13.69 12.49
N ASP B 380 -24.13 14.17 12.12
CA ASP B 380 -23.45 15.23 12.85
C ASP B 380 -22.52 15.90 11.85
N PRO B 381 -22.65 17.22 11.66
CA PRO B 381 -21.76 17.84 10.69
C PRO B 381 -20.28 17.80 11.05
N ARG B 382 -19.93 17.52 12.30
CA ARG B 382 -18.52 17.45 12.65
C ARG B 382 -17.82 16.22 12.02
N ASN B 383 -18.60 15.18 11.69
CA ASN B 383 -18.10 14.02 10.92
C ASN B 383 -17.96 14.22 9.38
N ALA B 384 -18.59 15.27 8.86
CA ALA B 384 -18.64 15.49 7.44
C ALA B 384 -17.40 16.21 6.92
N ILE B 385 -17.11 15.98 5.64
CA ILE B 385 -16.09 16.74 4.91
C ILE B 385 -16.21 18.24 5.15
N ARG B 386 -15.08 18.94 5.11
CA ARG B 386 -15.05 20.35 4.69
C ARG B 386 -14.02 20.52 3.55
N LEU B 387 -14.41 21.28 2.52
CA LEU B 387 -13.53 21.58 1.40
C LEU B 387 -12.33 22.37 1.91
N ALA B 388 -11.39 22.66 1.00
CA ALA B 388 -10.28 23.58 1.30
C ALA B 388 -10.78 24.93 1.77
N ASP B 389 -11.83 25.44 1.11
CA ASP B 389 -12.34 26.80 1.39
C ASP B 389 -13.25 26.85 2.61
N GLY B 390 -13.34 25.74 3.35
CA GLY B 390 -14.04 25.71 4.63
C GLY B 390 -15.43 25.12 4.54
N THR B 391 -16.12 25.36 3.43
CA THR B 391 -17.54 25.05 3.33
C THR B 391 -17.82 23.56 3.48
N MET B 392 -19.03 23.23 3.95
CA MET B 392 -19.51 21.86 3.98
C MET B 392 -20.43 21.64 2.77
N PRO B 393 -20.03 20.76 1.84
CA PRO B 393 -20.82 20.58 0.64
C PRO B 393 -22.13 19.83 0.91
N GLU B 394 -23.18 20.25 0.23
CA GLU B 394 -24.51 19.60 0.32
C GLU B 394 -25.10 19.33 -1.04
N HIS B 395 -26.03 18.38 -1.08
CA HIS B 395 -26.95 18.28 -2.21
C HIS B 395 -28.09 17.36 -1.79
N ALA B 396 -29.07 17.21 -2.67
CA ALA B 396 -30.14 16.26 -2.40
C ALA B 396 -30.56 15.65 -3.72
N MET B 397 -29.76 14.71 -4.18
CA MET B 397 -29.92 14.15 -5.51
C MET B 397 -30.57 12.78 -5.41
N TRP B 398 -30.20 12.01 -4.42
CA TRP B 398 -30.67 10.64 -4.34
C TRP B 398 -31.89 10.53 -3.41
N ALA B 399 -32.42 9.32 -3.30
CA ALA B 399 -33.58 8.98 -2.47
C ALA B 399 -33.68 9.70 -1.13
N GLY B 400 -32.68 9.51 -0.29
CA GLY B 400 -32.70 10.07 1.07
C GLY B 400 -32.53 11.57 1.13
N GLY B 401 -32.34 12.18 -0.03
CA GLY B 401 -32.42 13.62 -0.17
C GLY B 401 -31.18 14.29 0.35
N ARG B 402 -31.39 15.30 1.21
CA ARG B 402 -30.33 16.20 1.65
C ARG B 402 -29.26 15.46 2.41
N GLN B 403 -28.02 15.74 1.99
CA GLN B 403 -26.84 15.01 2.40
C GLN B 403 -25.59 15.87 2.24
N THR B 404 -24.53 15.36 2.84
CA THR B 404 -23.18 15.83 2.56
C THR B 404 -22.34 14.57 2.54
N TYR B 405 -21.01 14.70 2.59
CA TYR B 405 -20.14 13.53 2.53
C TYR B 405 -19.50 13.20 3.88
N LEU B 406 -19.41 11.90 4.20
CA LEU B 406 -18.69 11.40 5.36
C LEU B 406 -17.18 11.38 5.10
N CYS B 407 -16.41 12.16 5.85
CA CYS B 407 -14.94 12.11 5.79
C CYS B 407 -14.43 10.64 5.88
N ALA B 408 -13.78 10.20 4.80
CA ALA B 408 -13.28 8.84 4.66
C ALA B 408 -12.41 8.39 5.84
N GLU B 409 -11.68 9.34 6.44
CA GLU B 409 -10.93 9.10 7.67
C GLU B 409 -11.75 8.30 8.67
N LEU B 410 -13.06 8.56 8.70
CA LEU B 410 -13.98 7.89 9.62
C LEU B 410 -14.70 6.68 9.03
N ALA B 411 -14.65 6.51 7.71
CA ALA B 411 -15.40 5.44 7.08
C ALA B 411 -15.11 4.07 7.69
N PRO B 412 -13.83 3.72 7.84
CA PRO B 412 -13.61 2.39 8.35
C PRO B 412 -14.25 2.16 9.72
N ASP B 413 -14.44 3.22 10.50
CA ASP B 413 -15.08 3.08 11.80
C ASP B 413 -16.50 2.62 11.63
N TYR B 414 -17.20 3.29 10.72
CA TYR B 414 -18.60 3.02 10.44
C TYR B 414 -18.72 1.64 9.80
N VAL B 415 -17.86 1.34 8.83
CA VAL B 415 -17.86 0.01 8.22
C VAL B 415 -17.70 -1.06 9.27
N ARG B 416 -16.93 -0.78 10.31
CA ARG B 416 -16.70 -1.77 11.38
C ARG B 416 -17.91 -1.99 12.25
N ARG B 417 -18.56 -0.89 12.66
CA ARG B 417 -19.78 -0.92 13.46
C ARG B 417 -20.86 -1.72 12.72
N ASN B 418 -21.13 -1.31 11.48
CA ASN B 418 -22.23 -1.89 10.70
C ASN B 418 -22.03 -3.39 10.51
N PHE B 419 -20.93 -3.77 9.87
CA PHE B 419 -20.74 -5.19 9.55
C PHE B 419 -20.48 -6.02 10.80
N SER B 420 -19.81 -5.43 11.80
CA SER B 420 -19.72 -6.07 13.12
C SER B 420 -21.15 -6.48 13.55
N GLU B 421 -22.04 -5.47 13.62
CA GLU B 421 -23.46 -5.64 14.01
C GLU B 421 -24.26 -6.61 13.12
N ILE B 422 -24.04 -6.55 11.82
CA ILE B 422 -24.62 -7.52 10.87
C ILE B 422 -24.27 -8.96 11.25
N ALA B 423 -22.97 -9.22 11.38
CA ALA B 423 -22.45 -10.56 11.72
C ALA B 423 -23.16 -11.21 12.92
N THR B 424 -23.63 -10.38 13.85
CA THR B 424 -24.24 -10.84 15.10
C THR B 424 -25.72 -11.20 15.02
N HIS B 425 -26.26 -11.29 13.81
CA HIS B 425 -27.62 -11.78 13.59
C HIS B 425 -27.58 -12.96 12.65
N GLY B 426 -26.71 -13.91 12.97
CA GLY B 426 -26.53 -15.09 12.13
C GLY B 426 -26.26 -14.81 10.66
N ILE B 427 -25.99 -13.55 10.34
CA ILE B 427 -25.73 -13.17 8.95
C ILE B 427 -24.26 -13.50 8.65
N VAL B 428 -24.02 -14.34 7.65
CA VAL B 428 -22.68 -14.61 7.17
C VAL B 428 -22.64 -14.30 5.71
N LEU B 429 -22.22 -13.06 5.39
CA LEU B 429 -22.15 -12.59 4.01
C LEU B 429 -21.05 -13.30 3.26
N ASP B 430 -21.19 -13.37 1.95
CA ASP B 430 -20.10 -13.88 1.13
C ASP B 430 -19.31 -12.72 0.57
N CYS B 431 -20.01 -11.65 0.22
CA CYS B 431 -19.40 -10.48 -0.37
C CYS B 431 -20.06 -9.22 0.16
N ALA B 432 -19.54 -8.08 -0.29
CA ALA B 432 -20.19 -6.79 0.00
C ALA B 432 -19.83 -5.77 -1.04
N TYR B 433 -20.76 -4.85 -1.24
CA TYR B 433 -20.62 -3.81 -2.22
C TYR B 433 -20.60 -2.53 -1.39
N LEU B 434 -19.53 -1.75 -1.57
CA LEU B 434 -19.35 -0.47 -0.93
C LEU B 434 -19.40 0.54 -2.06
N ASP B 435 -20.58 1.11 -2.19
CA ASP B 435 -20.90 1.95 -3.30
C ASP B 435 -19.92 3.10 -3.40
N VAL B 436 -19.69 3.53 -4.63
CA VAL B 436 -19.20 4.89 -4.94
C VAL B 436 -17.68 5.06 -5.04
N PHE B 437 -16.96 4.37 -4.16
CA PHE B 437 -15.52 4.57 -3.97
C PHE B 437 -14.73 4.49 -5.26
N THR B 438 -14.92 3.36 -5.91
CA THR B 438 -14.14 2.99 -7.08
C THR B 438 -14.58 3.70 -8.36
N CYS B 439 -15.46 4.71 -8.21
CA CYS B 439 -16.05 5.43 -9.33
C CYS B 439 -15.90 6.92 -9.21
N ASN B 440 -16.26 7.43 -8.03
CA ASN B 440 -16.12 8.86 -7.74
C ASN B 440 -14.74 9.24 -7.25
N GLU B 441 -14.40 10.52 -7.45
CA GLU B 441 -13.12 11.06 -6.96
C GLU B 441 -13.01 10.89 -5.45
N GLY B 442 -11.78 10.83 -4.98
CA GLY B 442 -11.49 10.85 -3.56
C GLY B 442 -11.70 12.26 -3.07
N ASP B 443 -12.18 12.33 -1.84
CA ASP B 443 -12.46 13.62 -1.21
C ASP B 443 -11.19 14.13 -0.54
N GLU B 444 -10.99 15.45 -0.56
CA GLU B 444 -10.03 16.07 0.35
C GLU B 444 -10.87 16.69 1.46
N CYS B 445 -10.26 17.00 2.60
CA CYS B 445 -10.99 17.50 3.78
C CYS B 445 -10.14 18.46 4.59
N SER B 446 -10.70 19.61 4.96
CA SER B 446 -9.90 20.56 5.78
C SER B 446 -10.23 20.50 7.27
N HIS B 447 -11.20 19.68 7.66
CA HIS B 447 -11.69 19.69 9.04
C HIS B 447 -10.62 19.20 10.03
N PRO B 448 -10.13 20.12 10.89
CA PRO B 448 -9.03 19.88 11.81
C PRO B 448 -9.02 18.53 12.52
N GLU B 449 -10.19 18.06 12.94
CA GLU B 449 -10.32 16.76 13.62
C GLU B 449 -10.20 15.52 12.69
N HIS B 450 -10.10 15.75 11.38
CA HIS B 450 -9.87 14.68 10.42
C HIS B 450 -9.41 15.20 9.05
N ARG B 451 -8.28 15.91 9.06
CA ARG B 451 -7.66 16.40 7.83
C ARG B 451 -7.38 15.21 6.90
N MET B 452 -7.57 15.41 5.59
CA MET B 452 -7.35 14.34 4.61
C MET B 452 -7.09 14.82 3.19
N THR B 453 -6.18 14.14 2.50
CA THR B 453 -5.92 14.41 1.10
C THR B 453 -6.59 13.37 0.25
N ARG B 454 -6.97 13.79 -0.95
CA ARG B 454 -7.47 12.87 -1.95
C ARG B 454 -6.67 11.58 -1.96
N ARG B 455 -5.34 11.69 -1.84
CA ARG B 455 -4.53 10.49 -1.82
C ARG B 455 -4.90 9.61 -0.64
N GLU B 456 -4.92 10.21 0.55
CA GLU B 456 -5.23 9.51 1.79
C GLU B 456 -6.61 8.92 1.70
N CYS B 457 -7.51 9.65 1.02
CA CYS B 457 -8.88 9.18 0.88
C CYS B 457 -8.93 7.82 0.23
N TYR B 458 -8.20 7.66 -0.87
CA TYR B 458 -8.19 6.35 -1.51
C TYR B 458 -7.63 5.31 -0.54
N GLU B 459 -6.56 5.65 0.20
CA GLU B 459 -6.02 4.73 1.21
C GLU B 459 -7.07 4.31 2.27
N ARG B 460 -7.97 5.23 2.63
CA ARG B 460 -9.08 4.89 3.52
C ARG B 460 -10.17 4.04 2.86
N ARG B 461 -10.44 4.29 1.59
CA ARG B 461 -11.45 3.48 0.93
C ARG B 461 -10.93 2.05 0.92
N ALA B 462 -9.72 1.86 0.38
CA ALA B 462 -9.00 0.58 0.43
C ALA B 462 -9.02 -0.06 1.82
N GLU B 463 -8.81 0.74 2.86
CA GLU B 463 -8.88 0.25 4.24
C GLU B 463 -10.24 -0.40 4.58
N CYS B 464 -11.32 0.22 4.12
CA CYS B 464 -12.65 -0.34 4.33
C CYS B 464 -12.69 -1.71 3.62
N PHE B 465 -12.20 -1.80 2.38
CA PHE B 465 -12.21 -3.09 1.66
C PHE B 465 -11.45 -4.15 2.42
N GLU B 466 -10.29 -3.77 2.93
CA GLU B 466 -9.44 -4.68 3.65
C GLU B 466 -10.07 -5.22 4.91
N TYR B 467 -10.97 -4.46 5.55
CA TYR B 467 -11.71 -5.00 6.71
C TYR B 467 -12.54 -6.21 6.28
N LEU B 468 -13.25 -6.02 5.16
CA LEU B 468 -14.12 -7.07 4.64
C LEU B 468 -13.29 -8.28 4.30
N LEU B 469 -12.33 -8.10 3.38
CA LEU B 469 -11.43 -9.19 2.99
C LEU B 469 -10.90 -9.97 4.19
N ALA B 470 -10.57 -9.25 5.27
CA ALA B 470 -10.04 -9.89 6.47
C ALA B 470 -11.02 -10.87 7.12
N HIS B 471 -12.31 -10.58 7.01
CA HIS B 471 -13.33 -11.46 7.58
C HIS B 471 -13.85 -12.45 6.55
N GLY B 472 -13.23 -12.49 5.37
CA GLY B 472 -13.59 -13.46 4.33
C GLY B 472 -14.73 -13.00 3.44
N ILE B 473 -14.95 -11.69 3.44
CA ILE B 473 -16.02 -11.08 2.68
C ILE B 473 -15.43 -10.42 1.46
N LEU B 474 -15.69 -10.98 0.29
CA LEU B 474 -15.15 -10.42 -0.96
C LEU B 474 -15.74 -9.07 -1.27
N THR B 475 -14.96 -8.26 -1.98
CA THR B 475 -15.23 -6.82 -2.08
C THR B 475 -15.62 -6.34 -3.46
N SER B 476 -16.54 -5.39 -3.49
CA SER B 476 -16.96 -4.72 -4.75
C SER B 476 -17.37 -3.28 -4.56
N SER B 477 -17.51 -2.59 -5.68
CA SER B 477 -17.88 -1.19 -5.63
C SER B 477 -18.37 -0.75 -7.01
N GLU B 478 -18.85 0.48 -7.10
CA GLU B 478 -19.52 1.01 -8.30
C GLU B 478 -18.79 0.61 -9.59
N GLU B 479 -17.55 1.06 -9.75
CA GLU B 479 -16.79 0.73 -10.96
C GLU B 479 -15.40 0.14 -10.60
N VAL B 480 -14.33 0.49 -11.32
CA VAL B 480 -13.02 -0.15 -11.11
C VAL B 480 -11.78 0.77 -11.22
N SER B 481 -11.89 2.02 -10.78
CA SER B 481 -10.74 2.93 -10.81
C SER B 481 -9.51 2.28 -10.12
N ASP B 482 -8.37 2.21 -10.83
CA ASP B 482 -7.33 1.19 -10.46
C ASP B 482 -6.61 1.33 -9.13
N TRP B 483 -6.68 2.53 -8.52
CA TRP B 483 -6.22 2.70 -7.15
C TRP B 483 -6.70 1.56 -6.30
N ALA B 484 -7.91 1.07 -6.58
CA ALA B 484 -8.55 0.00 -5.79
C ALA B 484 -8.19 -1.44 -6.16
N VAL B 485 -7.37 -1.61 -7.18
CA VAL B 485 -7.07 -2.97 -7.59
C VAL B 485 -6.60 -3.77 -6.40
N PRO B 486 -5.62 -3.25 -5.64
CA PRO B 486 -5.11 -4.20 -4.64
C PRO B 486 -6.14 -4.76 -3.65
N SER B 487 -7.24 -4.04 -3.42
CA SER B 487 -8.23 -4.45 -2.42
C SER B 487 -9.65 -4.63 -2.98
N LEU B 488 -9.73 -4.80 -4.30
CA LEU B 488 -11.02 -5.02 -5.00
C LEU B 488 -11.08 -6.40 -5.65
N VAL B 489 -12.05 -7.21 -5.27
CA VAL B 489 -12.25 -8.49 -5.94
C VAL B 489 -13.10 -8.32 -7.20
N PHE B 490 -14.30 -7.78 -7.03
CA PHE B 490 -15.20 -7.62 -8.17
C PHE B 490 -15.90 -6.28 -8.15
N CYS B 491 -16.67 -6.00 -9.20
CA CYS B 491 -17.47 -4.78 -9.26
C CYS B 491 -18.94 -5.05 -9.55
N HIS B 492 -19.67 -3.95 -9.67
CA HIS B 492 -20.99 -3.93 -10.25
C HIS B 492 -20.84 -3.94 -11.77
N TYR B 493 -19.91 -3.16 -12.30
CA TYR B 493 -19.52 -3.28 -13.71
C TYR B 493 -18.25 -2.50 -14.09
N ALA B 494 -17.72 -2.85 -15.26
CA ALA B 494 -16.57 -2.19 -15.84
C ALA B 494 -16.90 -1.82 -17.28
N PRO B 495 -18.02 -1.11 -17.47
CA PRO B 495 -18.58 -0.89 -18.80
C PRO B 495 -17.73 0.05 -19.64
N TYR B 496 -18.05 0.13 -20.93
CA TYR B 496 -17.45 1.12 -21.81
C TYR B 496 -18.32 2.35 -21.64
N ASP B 497 -17.94 3.45 -22.29
CA ASP B 497 -18.64 4.72 -22.04
C ASP B 497 -19.99 4.87 -22.76
N PHE B 498 -20.14 4.18 -23.89
CA PHE B 498 -21.41 4.18 -24.64
C PHE B 498 -22.50 3.39 -23.90
N GLN B 499 -22.11 2.30 -23.22
CA GLN B 499 -23.03 1.46 -22.42
C GLN B 499 -23.64 2.24 -21.26
N MET B 500 -23.08 3.41 -20.97
CA MET B 500 -23.60 4.31 -19.95
C MET B 500 -24.29 5.54 -20.57
N ARG B 501 -24.82 5.38 -21.78
CA ARG B 501 -25.57 6.45 -22.46
C ARG B 501 -26.78 5.83 -23.14
N SER B 502 -27.59 6.68 -23.77
CA SER B 502 -28.64 6.19 -24.66
C SER B 502 -27.96 5.52 -25.85
N PRO B 503 -28.37 4.28 -26.20
CA PRO B 503 -27.90 3.67 -27.45
C PRO B 503 -28.04 4.56 -28.72
N ASP B 504 -28.91 5.58 -28.66
CA ASP B 504 -29.09 6.53 -29.77
C ASP B 504 -28.14 7.74 -29.69
N ALA B 505 -27.05 7.58 -28.94
CA ALA B 505 -26.06 8.64 -28.73
C ALA B 505 -24.78 8.37 -29.56
N PRO B 506 -24.28 9.40 -30.28
CA PRO B 506 -23.14 9.25 -31.21
C PRO B 506 -21.76 9.06 -30.53
N ARG B 507 -21.39 7.79 -30.35
CA ARG B 507 -20.15 7.35 -29.66
C ARG B 507 -18.87 8.17 -29.84
N HIS B 508 -17.92 7.97 -28.92
CA HIS B 508 -16.65 8.74 -28.88
C HIS B 508 -15.54 8.09 -29.67
N GLY B 509 -15.72 6.80 -29.93
CA GLY B 509 -14.77 6.01 -30.70
C GLY B 509 -15.00 4.51 -30.55
N ILE B 510 -13.91 3.76 -30.73
CA ILE B 510 -13.95 2.32 -30.83
C ILE B 510 -13.73 1.69 -29.47
N PRO B 511 -14.69 0.88 -29.02
CA PRO B 511 -14.59 0.15 -27.75
C PRO B 511 -13.57 -1.01 -27.64
N VAL B 512 -12.35 -0.65 -27.25
CA VAL B 512 -11.29 -1.61 -26.91
C VAL B 512 -11.22 -1.79 -25.40
N PRO B 513 -10.99 -3.04 -24.95
CA PRO B 513 -10.95 -3.39 -23.53
C PRO B 513 -9.57 -3.16 -22.88
N LEU B 514 -9.21 -1.88 -22.77
CA LEU B 514 -7.95 -1.43 -22.18
C LEU B 514 -7.78 -1.87 -20.73
N TYR B 515 -8.83 -1.70 -19.93
CA TYR B 515 -8.75 -2.02 -18.51
C TYR B 515 -8.63 -3.51 -18.19
N ASN B 516 -9.21 -4.39 -19.00
CA ASN B 516 -8.98 -5.82 -18.81
C ASN B 516 -7.69 -6.27 -19.49
N LEU B 517 -7.29 -5.52 -20.50
CA LEU B 517 -6.01 -5.78 -21.10
C LEU B 517 -5.01 -5.83 -19.97
N VAL B 518 -5.09 -4.82 -19.10
CA VAL B 518 -4.21 -4.71 -17.93
C VAL B 518 -4.59 -5.64 -16.78
N TYR B 519 -5.85 -5.56 -16.35
CA TYR B 519 -6.23 -6.05 -15.03
C TYR B 519 -7.18 -7.26 -15.04
N HIS B 520 -7.25 -8.01 -16.14
CA HIS B 520 -8.22 -9.12 -16.16
C HIS B 520 -7.95 -10.20 -15.10
N ASP B 521 -6.68 -10.51 -14.84
CA ASP B 521 -6.30 -11.44 -13.75
C ASP B 521 -6.50 -10.86 -12.36
N CYS B 522 -6.98 -9.63 -12.31
CA CYS B 522 -7.01 -8.86 -11.08
C CYS B 522 -8.42 -8.58 -10.59
N VAL B 523 -9.31 -8.13 -11.47
CA VAL B 523 -10.69 -7.86 -11.04
C VAL B 523 -11.77 -8.53 -11.87
N ILE B 524 -12.58 -9.31 -11.17
CA ILE B 524 -13.73 -9.99 -11.75
C ILE B 524 -14.83 -8.97 -12.02
N GLN B 525 -15.34 -8.95 -13.24
CA GLN B 525 -16.37 -7.99 -13.64
C GLN B 525 -17.67 -8.66 -14.14
N PRO B 526 -18.86 -8.12 -13.77
CA PRO B 526 -20.05 -8.52 -14.52
C PRO B 526 -20.30 -7.57 -15.69
N TRP B 527 -21.11 -8.05 -16.64
CA TRP B 527 -21.36 -7.36 -17.89
C TRP B 527 -22.83 -7.36 -18.28
N MET B 528 -23.24 -6.25 -18.90
CA MET B 528 -24.59 -6.09 -19.37
C MET B 528 -24.92 -7.13 -20.43
N MET B 529 -26.10 -7.71 -20.32
CA MET B 529 -26.62 -8.68 -21.27
C MET B 529 -27.88 -8.13 -21.91
N ASP B 530 -27.78 -6.89 -22.37
CA ASP B 530 -28.87 -6.22 -23.06
C ASP B 530 -28.62 -6.37 -24.55
N ARG B 531 -29.70 -6.49 -25.33
CA ARG B 531 -29.63 -6.42 -26.79
C ARG B 531 -30.14 -5.07 -27.22
N VAL B 532 -29.69 -4.59 -28.37
CA VAL B 532 -30.28 -3.39 -28.95
C VAL B 532 -31.11 -3.79 -30.18
N ALA B 533 -32.16 -3.03 -30.44
CA ALA B 533 -32.89 -3.12 -31.70
C ALA B 533 -32.11 -2.27 -32.72
N GLY B 534 -31.38 -2.94 -33.61
CA GLY B 534 -30.67 -2.27 -34.70
C GLY B 534 -29.28 -1.73 -34.34
N GLY B 535 -28.78 -2.22 -33.21
CA GLY B 535 -27.43 -1.91 -32.74
C GLY B 535 -26.97 -3.10 -31.92
N ASP B 536 -25.81 -2.98 -31.27
CA ASP B 536 -25.09 -4.16 -30.73
C ASP B 536 -25.81 -4.96 -29.64
N ASP B 537 -25.77 -6.27 -29.77
CA ASP B 537 -26.09 -7.15 -28.66
C ASP B 537 -24.87 -7.08 -27.71
N TYR B 538 -25.12 -6.91 -26.41
CA TYR B 538 -24.05 -6.70 -25.43
C TYR B 538 -23.53 -8.02 -24.79
N MET B 539 -24.18 -9.13 -25.07
CA MET B 539 -23.63 -10.46 -24.77
C MET B 539 -22.27 -10.61 -25.43
N LEU B 540 -22.04 -9.88 -26.51
CA LEU B 540 -20.78 -9.96 -27.25
C LEU B 540 -19.57 -9.48 -26.43
N TYR B 541 -19.70 -8.28 -25.88
CA TYR B 541 -18.63 -7.67 -25.08
C TYR B 541 -18.28 -8.52 -23.85
N ALA B 542 -19.29 -9.00 -23.13
CA ALA B 542 -19.07 -9.86 -21.95
C ALA B 542 -18.21 -11.13 -22.19
N LEU B 543 -18.22 -11.66 -23.41
CA LEU B 543 -17.36 -12.78 -23.78
C LEU B 543 -16.01 -12.23 -24.14
N LEU B 544 -16.06 -11.14 -24.90
CA LEU B 544 -14.89 -10.39 -25.34
C LEU B 544 -14.02 -9.88 -24.18
N ASN B 545 -14.64 -9.71 -23.01
CA ASN B 545 -13.98 -9.25 -21.78
C ASN B 545 -14.07 -10.30 -20.66
N GLY B 546 -14.01 -11.58 -21.04
CA GLY B 546 -14.10 -12.71 -20.07
C GLY B 546 -15.08 -12.63 -18.90
N GLY B 547 -16.08 -11.77 -19.03
CA GLY B 547 -16.90 -11.34 -17.91
C GLY B 547 -17.79 -12.39 -17.28
N ALA B 548 -18.57 -11.93 -16.32
CA ALA B 548 -19.69 -12.68 -15.78
C ALA B 548 -20.92 -12.14 -16.48
N PRO B 549 -22.05 -12.89 -16.42
CA PRO B 549 -23.30 -12.43 -16.99
C PRO B 549 -24.28 -11.86 -15.98
N TYR B 550 -24.79 -10.67 -16.29
CA TYR B 550 -25.96 -10.12 -15.62
C TYR B 550 -27.20 -10.75 -16.22
N LEU B 551 -27.98 -11.37 -15.34
CA LEU B 551 -29.24 -11.99 -15.69
C LEU B 551 -30.33 -10.94 -15.45
N ILE B 552 -30.68 -10.75 -14.17
CA ILE B 552 -31.58 -9.70 -13.74
C ILE B 552 -30.78 -8.50 -13.22
N ARG B 553 -30.98 -7.35 -13.86
CA ARG B 553 -30.27 -6.11 -13.53
C ARG B 553 -31.24 -4.92 -13.28
N ASP B 554 -32.01 -5.04 -12.20
CA ASP B 554 -32.89 -3.95 -11.76
C ASP B 554 -32.11 -2.62 -11.58
N ALA B 555 -32.67 -1.54 -12.12
CA ALA B 555 -32.21 -0.22 -11.73
C ALA B 555 -32.74 0.13 -10.31
N ALA B 556 -32.13 1.13 -9.69
CA ALA B 556 -32.64 1.72 -8.46
C ALA B 556 -33.27 3.08 -8.77
N TYR B 557 -32.82 3.71 -9.85
CA TYR B 557 -33.47 4.90 -10.43
C TYR B 557 -33.42 4.73 -11.93
N ALA B 558 -34.59 4.68 -12.57
CA ALA B 558 -34.65 4.45 -14.02
C ALA B 558 -33.97 5.61 -14.77
N GLY B 559 -33.26 5.25 -15.85
CA GLY B 559 -32.38 6.17 -16.57
C GLY B 559 -30.94 6.19 -16.05
N MET B 560 -30.73 5.58 -14.88
CA MET B 560 -29.42 5.61 -14.20
C MET B 560 -28.81 4.21 -14.09
N ASP B 561 -27.47 4.19 -14.11
CA ASP B 561 -26.65 2.96 -14.08
C ASP B 561 -26.88 2.10 -15.34
N GLY B 562 -26.79 2.77 -16.48
CA GLY B 562 -27.01 2.16 -17.79
C GLY B 562 -28.35 1.48 -17.94
N ASP B 563 -29.36 1.96 -17.22
CA ASP B 563 -30.73 1.47 -17.41
C ASP B 563 -31.18 2.07 -18.71
N MET B 564 -30.96 1.32 -19.78
CA MET B 564 -31.12 1.84 -21.13
C MET B 564 -32.60 2.00 -21.46
N ASN B 565 -32.89 3.08 -22.17
CA ASN B 565 -34.12 3.26 -22.95
C ASN B 565 -35.40 2.61 -22.37
N ALA B 566 -35.41 1.28 -22.36
CA ALA B 566 -36.62 0.46 -22.17
C ALA B 566 -37.36 0.26 -23.50
N ALA B 567 -37.38 1.27 -24.38
CA ALA B 567 -37.97 1.17 -25.72
C ALA B 567 -37.20 0.25 -26.67
N LEU B 568 -35.88 0.42 -26.72
CA LEU B 568 -35.00 -0.49 -27.45
C LEU B 568 -34.73 -1.72 -26.60
N ARG B 569 -34.14 -2.72 -27.23
CA ARG B 569 -34.03 -4.12 -26.77
C ARG B 569 -34.18 -4.95 -28.04
N ALA B 570 -33.82 -6.23 -28.00
CA ALA B 570 -34.28 -7.19 -29.01
C ALA B 570 -35.48 -7.96 -28.45
N ARG B 571 -35.68 -7.84 -27.14
CA ARG B 571 -36.85 -8.36 -26.40
C ARG B 571 -36.97 -9.89 -26.41
N THR B 572 -35.84 -10.56 -26.63
CA THR B 572 -35.75 -12.02 -26.60
C THR B 572 -35.53 -12.45 -25.15
N GLU B 573 -36.06 -13.63 -24.79
CA GLU B 573 -35.76 -14.24 -23.50
C GLU B 573 -34.87 -15.48 -23.76
N ASN B 574 -35.12 -16.62 -23.11
CA ASN B 574 -34.16 -17.73 -23.05
C ASN B 574 -32.96 -17.40 -22.15
N ASP B 575 -32.99 -16.18 -21.59
CA ASP B 575 -31.82 -15.53 -21.00
C ASP B 575 -30.85 -16.54 -20.39
N ILE B 576 -31.38 -17.30 -19.44
CA ILE B 576 -30.60 -18.30 -18.68
C ILE B 576 -29.54 -18.94 -19.57
N GLU B 577 -29.97 -19.29 -20.77
CA GLU B 577 -29.12 -19.87 -21.79
C GLU B 577 -28.01 -18.91 -22.28
N ARG B 578 -28.37 -17.74 -22.79
CA ARG B 578 -27.33 -16.78 -23.22
C ARG B 578 -26.46 -16.29 -22.04
N CYS B 579 -27.00 -16.36 -20.82
CA CYS B 579 -26.20 -16.17 -19.60
C CYS B 579 -25.11 -17.24 -19.51
N ALA B 580 -25.51 -18.50 -19.32
CA ALA B 580 -24.54 -19.59 -19.12
C ALA B 580 -23.49 -19.76 -20.25
N VAL B 581 -23.73 -19.18 -21.43
CA VAL B 581 -22.70 -19.13 -22.48
C VAL B 581 -21.54 -18.20 -22.10
N VAL B 582 -21.87 -17.08 -21.45
CA VAL B 582 -20.83 -16.14 -20.99
C VAL B 582 -20.18 -16.65 -19.72
N ALA B 583 -20.99 -17.24 -18.83
CA ALA B 583 -20.49 -17.76 -17.55
C ALA B 583 -19.67 -19.05 -17.69
N GLY B 584 -19.94 -19.85 -18.72
CA GLY B 584 -19.17 -21.06 -19.00
C GLY B 584 -17.75 -20.74 -19.44
N LEU B 585 -17.60 -19.65 -20.18
CA LEU B 585 -16.29 -19.07 -20.54
C LEU B 585 -15.63 -18.41 -19.32
N HIS B 586 -16.45 -17.74 -18.51
CA HIS B 586 -15.99 -17.12 -17.27
C HIS B 586 -15.32 -18.10 -16.34
N ARG B 587 -15.90 -19.28 -16.21
CA ARG B 587 -15.36 -20.28 -15.32
C ARG B 587 -14.01 -20.76 -15.83
N ARG B 588 -13.84 -20.69 -17.15
CA ARG B 588 -12.59 -21.06 -17.83
C ARG B 588 -11.51 -19.97 -17.74
N VAL B 589 -11.75 -18.77 -18.29
CA VAL B 589 -10.70 -17.73 -18.32
C VAL B 589 -10.88 -16.59 -17.31
N GLY B 590 -11.68 -16.84 -16.27
CA GLY B 590 -11.95 -15.87 -15.21
C GLY B 590 -10.73 -15.26 -14.53
N MET B 591 -9.72 -16.08 -14.25
CA MET B 591 -8.53 -15.64 -13.53
C MET B 591 -7.30 -15.44 -14.39
N GLN B 592 -7.48 -15.30 -15.69
CA GLN B 592 -6.35 -15.44 -16.58
C GLN B 592 -6.05 -14.13 -17.28
N GLU B 593 -4.76 -13.86 -17.47
CA GLU B 593 -4.41 -12.66 -18.18
C GLU B 593 -5.13 -12.64 -19.52
N LEU B 594 -5.65 -11.48 -19.89
CA LEU B 594 -6.08 -11.27 -21.26
C LEU B 594 -4.86 -10.81 -22.07
N VAL B 595 -4.17 -11.79 -22.64
CA VAL B 595 -2.90 -11.56 -23.35
C VAL B 595 -3.04 -10.59 -24.52
N ARG B 596 -4.13 -10.72 -25.26
CA ARG B 596 -4.28 -10.07 -26.56
C ARG B 596 -5.72 -9.63 -26.85
N HIS B 597 -5.83 -8.50 -27.56
CA HIS B 597 -7.09 -8.06 -28.16
C HIS B 597 -6.80 -7.40 -29.49
N ASP B 598 -7.54 -7.83 -30.51
CA ASP B 598 -7.27 -7.37 -31.87
C ASP B 598 -8.48 -6.91 -32.66
N LEU B 599 -8.24 -5.85 -33.43
CA LEU B 599 -9.07 -5.42 -34.55
C LEU B 599 -8.70 -6.24 -35.79
N VAL B 600 -9.54 -7.20 -36.16
CA VAL B 600 -9.16 -8.15 -37.21
C VAL B 600 -9.20 -7.47 -38.59
N GLY B 601 -8.09 -7.56 -39.31
CA GLY B 601 -7.88 -6.83 -40.57
C GLY B 601 -7.90 -5.32 -40.42
N GLY B 602 -7.99 -4.85 -39.18
CA GLY B 602 -8.30 -3.44 -38.90
C GLY B 602 -9.78 -3.12 -39.01
N ASP B 603 -10.63 -4.13 -38.83
CA ASP B 603 -12.08 -3.94 -38.88
C ASP B 603 -12.63 -3.75 -37.47
N PRO B 604 -13.00 -2.51 -37.12
CA PRO B 604 -13.61 -2.31 -35.82
C PRO B 604 -14.70 -3.32 -35.48
N LEU B 605 -15.53 -3.71 -36.46
CA LEU B 605 -16.71 -4.55 -36.19
C LEU B 605 -16.41 -6.07 -36.08
N VAL B 606 -15.13 -6.41 -36.09
CA VAL B 606 -14.65 -7.78 -35.91
C VAL B 606 -13.55 -7.75 -34.84
N GLN B 607 -13.74 -8.50 -33.75
CA GLN B 607 -12.81 -8.40 -32.60
C GLN B 607 -12.40 -9.73 -31.97
N ARG B 608 -11.11 -9.90 -31.74
CA ARG B 608 -10.60 -11.15 -31.19
C ARG B 608 -9.80 -10.93 -29.92
N SER B 609 -10.03 -11.81 -28.94
CA SER B 609 -9.50 -11.67 -27.59
C SER B 609 -8.90 -13.00 -27.13
N VAL B 610 -7.58 -13.10 -27.21
CA VAL B 610 -6.86 -14.30 -26.79
C VAL B 610 -6.51 -14.18 -25.30
N PHE B 611 -6.78 -15.25 -24.55
CA PHE B 611 -6.41 -15.34 -23.14
C PHE B 611 -5.15 -16.19 -22.92
N ALA B 612 -4.68 -16.20 -21.68
CA ALA B 612 -3.42 -16.84 -21.31
C ALA B 612 -3.21 -18.16 -22.02
N ASP B 613 -4.11 -19.09 -21.70
CA ASP B 613 -3.98 -20.50 -22.09
C ASP B 613 -4.34 -20.77 -23.57
N GLY B 614 -4.35 -19.72 -24.41
CA GLY B 614 -4.61 -19.86 -25.84
C GLY B 614 -6.05 -19.56 -26.25
N THR B 615 -7.01 -19.94 -25.38
CA THR B 615 -8.45 -19.71 -25.61
C THR B 615 -8.70 -18.34 -26.21
N ALA B 616 -9.26 -18.33 -27.42
CA ALA B 616 -9.57 -17.10 -28.13
C ALA B 616 -11.08 -16.86 -28.21
N VAL B 617 -11.45 -15.61 -28.46
CA VAL B 617 -12.85 -15.21 -28.61
C VAL B 617 -12.94 -14.12 -29.68
N THR B 618 -13.91 -14.31 -30.59
CA THR B 618 -14.06 -13.53 -31.82
C THR B 618 -15.51 -13.10 -31.99
N CYS B 619 -15.72 -11.82 -32.30
CA CYS B 619 -17.06 -11.20 -32.27
C CYS B 619 -17.38 -10.36 -33.50
N ASP B 620 -18.22 -10.92 -34.38
CA ASP B 620 -18.68 -10.24 -35.58
C ASP B 620 -19.87 -9.38 -35.20
N PHE B 621 -19.72 -8.07 -35.39
CA PHE B 621 -20.75 -7.11 -35.05
C PHE B 621 -21.65 -6.74 -36.23
N HIS B 622 -21.10 -6.78 -37.46
CA HIS B 622 -21.92 -6.68 -38.68
C HIS B 622 -23.05 -7.73 -38.58
N ALA B 623 -22.63 -8.98 -38.43
CA ALA B 623 -23.54 -10.12 -38.37
C ALA B 623 -24.20 -10.27 -37.01
N GLN B 624 -23.49 -9.79 -35.97
CA GLN B 624 -23.88 -9.95 -34.55
C GLN B 624 -23.68 -11.40 -34.04
N THR B 625 -22.60 -12.03 -34.48
CA THR B 625 -22.31 -13.42 -34.14
C THR B 625 -20.89 -13.59 -33.58
N TYR B 626 -20.67 -14.68 -32.86
CA TYR B 626 -19.48 -14.87 -32.03
C TYR B 626 -18.93 -16.31 -32.05
N GLU B 627 -17.63 -16.48 -31.78
CA GLU B 627 -17.02 -17.83 -31.69
C GLU B 627 -16.01 -18.03 -30.54
N VAL B 628 -16.12 -19.17 -29.86
CA VAL B 628 -15.43 -19.48 -28.58
C VAL B 628 -14.46 -20.68 -28.71
N ALA B 629 -13.24 -20.43 -29.16
CA ALA B 629 -12.38 -21.49 -29.69
C ALA B 629 -11.27 -22.01 -28.75
N ALA B 630 -11.58 -23.05 -27.97
CA ALA B 630 -10.54 -23.71 -27.13
C ALA B 630 -9.44 -24.36 -27.99
#